data_6Q0B
#
_entry.id   6Q0B
#
_cell.length_a   1.00
_cell.length_b   1.00
_cell.length_c   1.00
_cell.angle_alpha   90.00
_cell.angle_beta   90.00
_cell.angle_gamma   90.00
#
_symmetry.space_group_name_H-M   'P 1'
#
loop_
_entity.id
_entity.type
_entity.pdbx_description
1 polymer 'Capsid protein VP1'
2 polymer 'Capsid protein VP2'
3 polymer 'Capsid protein VP3'
4 polymer 'Capsid protein VP4'
5 polymer 'anti-VP1 mAb'
#
loop_
_entity_poly.entity_id
_entity_poly.type
_entity_poly.pdbx_seq_one_letter_code
_entity_poly.pdbx_strand_id
1 'polypeptide(L)'
;GLGQMLESMIDNTVRETVGAATSRDALPNTEASGPTHSKEIPALTAVETGATNPLVPSDTVQTRHVVQHRSRSESSIESF
FARGACVTIMTVDNPASTTNKDKLFAVWKITYKDTVQLRRKLEFFTYSRFDMELTFVVTANFTETNNGHALNQVYQIMYV
PPGAPVPEKWDDYTWQTSSNPSIFYTYGTAPARISVPYVGISNAYSHFYDGFSKVPLKDQSAALGDSLYGAASLNDFGIL
AVRVVNDHNPTKVTSKIRVYLKPKHIRVWCPRPPRAVAYYGPGVDYKDGTLTPLSTKDLTTY
;
1
2 'polypeptide(L)'
;SPNIEACGYSDRVLQLTLGNSTITTQEAANSVVAYGRWPEYLRDSEANPVDQPTEPDVAACRFYTLDTVSWTKESRGWWW
KLPDALRDMGLFGQNMYYHYLGRSGYTVHVQCNASKFHQGALGVFAVPEMCLAGDSNTTTMHTSYQNANPGEKGGTFTGT
FTPDNNQTSPARRFCPVDYLLGNGTLLGNAFVFPHQIINLRTNNCATLVLPYVNSLSIDSMVKHNNWGIAILPLAPLNFA
SESSPEIPITLTIAPMCCEFNGLRNITLPRLQ
;
2
3 'polypeptide(L)'
;GLPVMNTPGSNQYLTADNFQSPCALPEFDVTPPIDIPGEVKNMMELAEIDTMIPFDLSATKKNTMEMYRVRLSDKPHTDD
PILCLSLSPASDPRLSHTMLGEILNYYTHWAGSLKFTFLFCGSMMATGKLLVSYAPPGADPPKKRKEAMLGTHVIWDIGL
QSSCTMVVPWISNTTYRQTIDDSFTEGGYISVFYQTRIVVPLSTPREMDILGFVSACNDFSVRLLRDTTHIEQKALAQ
;
3
4 'polypeptide(L)' (MYR)GAQVSSQKVGAHENSNRAYGGSTINYTTINYYRDSASNAASKQDFSQDPSKFTEPIKDVLIKTAPMLNS 4
5 'polypeptide(L)'
;(UNK)(UNK)(UNK)(UNK)(UNK)(UNK)(UNK)(UNK)(UNK)(UNK)(UNK)(UNK)(UNK)(UNK)(UNK)(UNK)
(UNK)(UNK)(UNK)(UNK)(UNK)(UNK)C(UNK)(UNK)(UNK)(UNK)(UNK)(UNK)(UNK)(UNK)(UNK)
(UNK)(UNK)(UNK)(UNK)(UNK)(UNK)(UNK)(UNK)(UNK)(UNK)(UNK)(UNK)(UNK)(UNK)(UNK)(UNK)
(UNK)(UNK)(UNK)(UNK)(UNK)(UNK)(UNK)(UNK)(UNK)(UNK)(UNK)(UNK)(UNK)(UNK)(UNK)(UNK)
(UNK)(UNK)(UNK)(UNK)(UNK)(UNK)(UNK)(UNK)(UNK)(UNK)(UNK)(UNK)(UNK)(UNK)(UNK)(UNK)
(UNK)(UNK)(UNK)(UNK)(UNK)(UNK)(UNK)(UNK)(UNK)(UNK)(UNK)C(UNK)(UNK)(UNK)(UNK)
(UNK)(UNK)(UNK)(UNK)(UNK)(UNK)(UNK)(UNK)(UNK)(UNK)(UNK)(UNK)(UNK)(UNK)(UNK)(UNK)
(UNK)(UNK)(UNK)(UNK)(UNK)(UNK)(UNK)(UNK)(UNK)(UNK)(UNK)(UNK)(UNK)(UNK)(UNK)(UNK)
(UNK)(UNK)(UNK)(UNK)(UNK)(UNK)(UNK)(UNK)(UNK)(UNK)C(UNK)(UNK)(UNK)(UNK)(UNK)
(UNK)(UNK)(UNK)(UNK)(UNK)(UNK)(UNK)(UNK)(UNK)(UNK)(UNK)(UNK)(UNK)(UNK)(UNK)(UNK)
(UNK)(UNK)(UNK)(UNK)(UNK)(UNK)(UNK)(UNK)(UNK)(UNK)(UNK)(UNK)(UNK)(UNK)(UNK)(UNK)
(UNK)(UNK)(UNK)(UNK)(UNK)(UNK)(UNK)(UNK)(UNK)(UNK)(UNK)(UNK)(UNK)(UNK)(UNK)(UNK)
(UNK)(UNK)(UNK)(UNK)(UNK)(UNK)C(UNK)(UNK)(UNK)(UNK)(UNK)(UNK)(UNK)(UNK)(UNK)
(UNK)(UNK)(UNK)(UNK)(UNK)(UNK)(UNK)(UNK)(UNK)(UNK)C(UNK)(UNK)(UNK)(UNK)(UNK)
(UNK)(UNK)(UNK)(UNK)(UNK)(UNK)(UNK)(UNK)(UNK)(UNK)(UNK)(UNK)(UNK)(UNK)(UNK)(UNK)
(UNK)(UNK)(UNK)(UNK)(UNK)(UNK)(UNK)(UNK)(UNK)(UNK)(UNK)(UNK)(UNK)(UNK)(UNK)(UNK)
(UNK)(UNK)(UNK)(UNK)(UNK)(UNK)(UNK)(UNK)(UNK)(UNK)(UNK)(UNK)(UNK)(UNK)(UNK)(UNK)
(UNK)(UNK)(UNK)(UNK)(UNK)(UNK)(UNK)(UNK)(UNK)(UNK)(UNK)(UNK)(UNK)(UNK)(UNK)(UNK)
(UNK)(UNK)(UNK)(UNK)(UNK)(UNK)(UNK)(UNK)(UNK)(UNK)(UNK)(UNK)(UNK)(UNK)(UNK)(UNK)
(UNK)(UNK)(UNK)(UNK)(UNK)(UNK)(UNK)(UNK)(UNK)(UNK)(UNK)(UNK)(UNK)(UNK)(UNK)(UNK)
(UNK)C(UNK)(UNK)(UNK)(UNK)(UNK)(UNK)(UNK)(UNK)(UNK)(UNK)(UNK)(UNK)(UNK)(UNK)
(UNK)(UNK)(UNK)(UNK)(UNK)(UNK)(UNK)(UNK)(UNK)(UNK)(UNK)(UNK)(UNK)(UNK)(UNK)(UNK)
(UNK)(UNK)(UNK)(UNK)(UNK)(UNK)(UNK)(UNK)(UNK)(UNK)(UNK)(UNK)(UNK)(UNK)(UNK)(UNK)
(UNK)(UNK)(UNK)(UNK)(UNK)(UNK)(UNK)(UNK)(UNK)(UNK)(UNK)(UNK)(UNK)(UNK)(UNK)(UNK)
(UNK)(UNK)(UNK)(UNK)(UNK)(UNK)(UNK)(UNK)(UNK)(UNK)(UNK)C(UNK)(UNK)(UNK)(UNK)
(UNK)(UNK)(UNK)(UNK)(UNK)(UNK)(UNK)(UNK)(UNK)(UNK)(UNK)(UNK)(UNK)(UNK)(UNK)(UNK)
(UNK)(UNK)(UNK)(UNK)(UNK)(UNK)(UNK)(UNK)(UNK)(UNK)(UNK)(UNK)(UNK)(UNK)(UNK)(UNK)
(UNK)(UNK)(UNK)(UNK)(UNK)(UNK)(UNK)(UNK)(UNK)(UNK)(UNK)C(UNK)(UNK)(UNK)(UNK)
(UNK)(UNK)(UNK)(UNK)(UNK)(UNK)(UNK)(UNK)(UNK)(UNK)(UNK)(UNK)(UNK)(UNK)(UNK)(UNK)
(UNK)(UNK)(UNK)(UNK)(UNK)(UNK)(UNK)(UNK)(UNK)(UNK)(UNK)(UNK)(UNK)(UNK)(UNK)(UNK)
(UNK)(UNK)(UNK)(UNK)(UNK)(UNK)(UNK)(UNK)(UNK)(UNK)(UNK)(UNK)(UNK)(UNK)(UNK)(UNK)
(UNK)(UNK)(UNK)C(UNK)(UNK)(UNK)(UNK)(UNK)(UNK)(UNK)(UNK)(UNK)(UNK)(UNK)(UNK)
(UNK)(UNK)(UNK)(UNK)(UNK)(UNK)(UNK)C
;
7
#
loop_
_chem_comp.id
_chem_comp.type
_chem_comp.name
_chem_comp.formula
MYR non-polymer 'MYRISTIC ACID' 'C14 H28 O2'
#
# COMPACT_ATOMS: atom_id res chain seq x y z
N ARG A 70 -8.17 24.69 -14.34
CA ARG A 70 -8.78 23.34 -14.59
C ARG A 70 -10.03 23.42 -15.48
N SER A 71 -10.24 22.37 -16.29
CA SER A 71 -11.35 22.20 -17.21
C SER A 71 -11.64 20.71 -17.38
N ARG A 72 -12.87 20.40 -17.82
CA ARG A 72 -13.23 19.00 -17.98
C ARG A 72 -13.04 18.52 -19.41
N SER A 73 -13.12 19.46 -20.35
CA SER A 73 -12.96 19.16 -21.75
C SER A 73 -12.23 17.83 -22.05
N GLU A 74 -10.97 17.65 -21.65
CA GLU A 74 -10.31 16.46 -22.15
C GLU A 74 -10.96 15.14 -21.73
N SER A 75 -11.96 15.16 -20.86
CA SER A 75 -12.57 13.90 -20.46
C SER A 75 -14.02 13.84 -20.87
N SER A 76 -14.51 14.68 -21.79
CA SER A 76 -15.90 14.55 -22.23
C SER A 76 -15.99 13.20 -22.95
N ILE A 77 -17.22 12.77 -23.20
CA ILE A 77 -17.38 11.45 -23.78
C ILE A 77 -16.55 11.29 -25.04
N GLU A 78 -16.66 12.27 -25.96
CA GLU A 78 -15.97 12.26 -27.23
C GLU A 78 -14.49 12.14 -26.98
N SER A 79 -13.94 13.24 -26.45
CA SER A 79 -12.51 13.30 -26.21
C SER A 79 -11.97 11.97 -25.68
N PHE A 80 -12.85 11.23 -25.00
CA PHE A 80 -12.48 9.94 -24.44
C PHE A 80 -12.50 8.90 -25.54
N PHE A 81 -13.70 8.57 -26.03
CA PHE A 81 -13.89 7.56 -27.05
C PHE A 81 -13.23 7.82 -28.40
N ALA A 82 -13.39 9.07 -28.90
CA ALA A 82 -12.91 9.46 -30.22
C ALA A 82 -11.40 9.32 -30.32
N ARG A 83 -10.95 8.19 -30.88
CA ARG A 83 -9.53 7.96 -30.97
C ARG A 83 -9.26 6.84 -31.97
N GLY A 84 -8.53 7.14 -33.04
CA GLY A 84 -8.20 6.11 -34.02
C GLY A 84 -7.49 4.91 -33.41
N ALA A 85 -8.07 3.74 -33.65
CA ALA A 85 -7.51 2.53 -33.09
C ALA A 85 -7.60 1.39 -34.09
N CYS A 86 -6.42 0.92 -34.55
CA CYS A 86 -6.46 -0.23 -35.43
C CYS A 86 -7.16 -1.38 -34.71
N VAL A 87 -8.20 -1.91 -35.36
CA VAL A 87 -8.99 -2.95 -34.77
C VAL A 87 -8.71 -4.26 -35.48
N THR A 88 -7.88 -4.22 -36.52
CA THR A 88 -7.59 -5.49 -37.18
C THR A 88 -6.74 -5.30 -38.41
N ILE A 89 -6.18 -6.43 -38.86
CA ILE A 89 -5.41 -6.34 -40.08
C ILE A 89 -5.87 -7.41 -41.04
N MET A 90 -6.60 -6.97 -42.07
CA MET A 90 -7.08 -7.84 -43.12
C MET A 90 -5.89 -8.09 -44.06
N THR A 91 -5.67 -9.34 -44.44
CA THR A 91 -4.52 -9.64 -45.31
C THR A 91 -5.02 -10.41 -46.50
N VAL A 92 -4.60 -10.02 -47.71
CA VAL A 92 -5.03 -10.74 -48.90
C VAL A 92 -3.83 -10.98 -49.79
N ASP A 93 -4.02 -11.79 -50.81
CA ASP A 93 -2.96 -12.04 -51.75
C ASP A 93 -3.45 -11.75 -53.17
N ASN A 94 -2.55 -11.20 -53.99
CA ASN A 94 -2.85 -10.95 -55.38
C ASN A 94 -3.32 -12.27 -55.98
N PRO A 95 -4.41 -12.32 -56.78
CA PRO A 95 -4.85 -13.59 -57.41
C PRO A 95 -3.80 -14.26 -58.28
N ALA A 96 -2.68 -14.68 -57.67
CA ALA A 96 -1.63 -15.36 -58.40
C ALA A 96 -2.19 -16.72 -58.79
N SER A 97 -2.59 -16.81 -60.07
CA SER A 97 -3.24 -17.97 -60.67
C SER A 97 -2.47 -19.26 -60.43
N THR A 98 -1.23 -19.15 -59.93
CA THR A 98 -0.34 -20.28 -59.71
C THR A 98 -0.84 -21.21 -58.59
N THR A 99 -0.86 -20.73 -57.34
CA THR A 99 -1.21 -21.58 -56.22
C THR A 99 -2.02 -20.90 -55.13
N ASN A 100 -2.39 -19.62 -55.32
CA ASN A 100 -3.15 -18.90 -54.32
C ASN A 100 -4.46 -19.65 -54.04
N LYS A 101 -4.61 -20.08 -52.78
CA LYS A 101 -5.73 -20.89 -52.33
C LYS A 101 -6.97 -20.07 -51.96
N ASP A 102 -6.92 -19.34 -50.83
CA ASP A 102 -8.08 -18.58 -50.39
C ASP A 102 -7.72 -17.16 -49.98
N LYS A 103 -6.42 -16.88 -49.83
CA LYS A 103 -5.97 -15.57 -49.41
C LYS A 103 -6.39 -14.52 -50.45
N LEU A 104 -7.05 -15.00 -51.52
CA LEU A 104 -7.53 -14.17 -52.61
C LEU A 104 -8.30 -12.97 -52.08
N PHE A 105 -9.19 -13.23 -51.14
CA PHE A 105 -9.89 -12.11 -50.56
C PHE A 105 -9.84 -12.36 -49.07
N ALA A 106 -9.99 -11.31 -48.25
CA ALA A 106 -10.09 -11.49 -46.79
C ALA A 106 -11.34 -10.72 -46.38
N VAL A 107 -12.03 -11.23 -45.34
CA VAL A 107 -13.29 -10.60 -44.92
C VAL A 107 -13.36 -10.55 -43.41
N TRP A 108 -13.75 -9.42 -42.88
CA TRP A 108 -13.82 -9.30 -41.44
C TRP A 108 -15.14 -8.67 -40.98
N LYS A 109 -15.81 -9.32 -40.02
CA LYS A 109 -17.06 -8.78 -39.50
C LYS A 109 -16.72 -7.72 -38.44
N ILE A 110 -16.98 -6.45 -38.75
CA ILE A 110 -16.66 -5.36 -37.86
C ILE A 110 -17.26 -5.64 -36.50
N THR A 111 -16.39 -5.85 -35.51
CA THR A 111 -16.79 -6.02 -34.11
C THR A 111 -15.69 -5.43 -33.23
N TYR A 112 -16.06 -4.75 -32.15
CA TYR A 112 -14.99 -4.23 -31.32
C TYR A 112 -14.28 -5.39 -30.62
N LYS A 113 -15.05 -6.38 -30.19
CA LYS A 113 -14.58 -7.51 -29.41
C LYS A 113 -13.23 -8.18 -29.72
N ASP A 114 -12.15 -7.44 -30.02
CA ASP A 114 -10.84 -8.05 -30.19
C ASP A 114 -9.81 -7.10 -29.59
N THR A 115 -10.02 -5.80 -29.83
CA THR A 115 -9.21 -4.72 -29.28
C THR A 115 -9.64 -4.49 -27.84
N VAL A 116 -8.87 -5.09 -26.91
CA VAL A 116 -9.21 -4.94 -25.52
C VAL A 116 -9.52 -3.47 -25.30
N GLN A 117 -8.57 -2.62 -25.74
CA GLN A 117 -8.63 -1.19 -25.55
C GLN A 117 -10.00 -0.59 -25.84
N LEU A 118 -10.42 -0.66 -27.09
CA LEU A 118 -11.72 -0.10 -27.43
C LEU A 118 -12.82 -0.84 -26.63
N ARG A 119 -12.73 -2.18 -26.67
CA ARG A 119 -13.74 -2.99 -26.03
C ARG A 119 -14.01 -2.48 -24.63
N ARG A 120 -12.92 -2.33 -23.87
CA ARG A 120 -13.03 -1.89 -22.49
C ARG A 120 -13.74 -0.55 -22.39
N LYS A 121 -13.18 0.47 -23.02
CA LYS A 121 -13.83 1.76 -22.93
C LYS A 121 -15.32 1.59 -23.22
N LEU A 122 -15.73 0.74 -24.18
CA LEU A 122 -17.17 0.65 -24.46
C LEU A 122 -17.95 -0.01 -23.34
N GLU A 123 -17.41 -1.10 -22.80
CA GLU A 123 -18.15 -1.76 -21.75
C GLU A 123 -18.27 -0.86 -20.52
N PHE A 124 -17.69 0.36 -20.53
CA PHE A 124 -17.87 1.22 -19.37
C PHE A 124 -19.31 1.66 -19.32
N PHE A 125 -20.05 1.36 -20.37
CA PHE A 125 -21.44 1.74 -20.41
C PHE A 125 -22.26 0.57 -20.92
N THR A 126 -23.57 0.77 -20.88
CA THR A 126 -24.49 -0.27 -21.27
C THR A 126 -25.02 -0.04 -22.68
N TYR A 127 -25.19 1.23 -23.01
CA TYR A 127 -25.71 1.57 -24.31
C TYR A 127 -25.01 2.78 -24.92
N SER A 128 -25.07 2.82 -26.25
CA SER A 128 -24.32 3.85 -26.94
C SER A 128 -24.67 3.89 -28.41
N ARG A 129 -24.49 5.06 -28.99
CA ARG A 129 -24.73 5.19 -30.41
C ARG A 129 -23.46 5.77 -31.00
N PHE A 130 -23.10 5.36 -32.23
CA PHE A 130 -21.95 6.05 -32.76
C PHE A 130 -21.70 5.80 -34.24
N ASP A 131 -21.62 6.93 -34.98
CA ASP A 131 -21.24 6.95 -36.37
C ASP A 131 -19.79 6.48 -36.35
N MET A 132 -19.54 5.34 -36.95
CA MET A 132 -18.19 4.81 -36.98
C MET A 132 -17.54 5.23 -38.30
N GLU A 133 -16.33 5.81 -38.22
CA GLU A 133 -15.53 6.17 -39.40
C GLU A 133 -14.38 5.15 -39.55
N LEU A 134 -14.13 4.63 -40.78
CA LEU A 134 -13.10 3.61 -40.99
C LEU A 134 -12.05 4.07 -41.97
N THR A 135 -10.79 4.15 -41.53
CA THR A 135 -9.74 4.54 -42.46
C THR A 135 -9.09 3.25 -42.96
N PHE A 136 -8.37 3.32 -44.06
CA PHE A 136 -7.70 2.14 -44.56
C PHE A 136 -6.24 2.45 -44.94
N VAL A 137 -5.33 1.68 -44.34
CA VAL A 137 -3.90 1.76 -44.65
C VAL A 137 -3.46 0.44 -45.30
N VAL A 138 -2.99 0.51 -46.55
CA VAL A 138 -2.60 -0.72 -47.21
C VAL A 138 -1.08 -0.83 -47.41
N THR A 139 -0.60 -2.04 -47.25
CA THR A 139 0.83 -2.20 -47.36
C THR A 139 1.10 -3.52 -48.07
N ALA A 140 1.90 -3.46 -49.15
CA ALA A 140 2.22 -4.64 -49.92
C ALA A 140 3.74 -4.90 -49.88
N ASN A 141 4.18 -5.96 -50.57
CA ASN A 141 5.58 -6.39 -50.73
C ASN A 141 5.58 -7.74 -51.46
N PHE A 142 6.60 -7.97 -52.28
CA PHE A 142 6.63 -9.23 -52.99
C PHE A 142 7.07 -10.33 -52.04
N THR A 143 6.53 -11.53 -52.26
CA THR A 143 6.88 -12.65 -51.42
C THR A 143 8.19 -13.28 -51.88
N GLU A 144 8.46 -13.25 -53.19
CA GLU A 144 9.69 -13.80 -53.73
C GLU A 144 10.68 -12.68 -54.05
N THR A 145 11.94 -12.83 -53.59
CA THR A 145 12.99 -11.85 -53.79
C THR A 145 13.29 -11.70 -55.28
N ASN A 146 12.68 -12.60 -56.05
CA ASN A 146 12.74 -12.64 -57.50
C ASN A 146 12.61 -11.21 -58.03
N ASN A 147 12.89 -11.06 -59.32
CA ASN A 147 12.69 -9.79 -59.98
C ASN A 147 11.19 -9.55 -59.95
N GLY A 148 10.70 -9.23 -58.75
CA GLY A 148 9.29 -8.97 -58.55
C GLY A 148 8.90 -7.64 -59.18
N HIS A 149 8.18 -7.71 -60.30
CA HIS A 149 7.66 -6.52 -60.94
C HIS A 149 6.15 -6.58 -60.88
N ALA A 150 5.50 -5.42 -60.99
CA ALA A 150 4.05 -5.42 -60.98
C ALA A 150 3.62 -4.00 -61.26
N LEU A 151 2.37 -3.84 -61.71
CA LEU A 151 1.87 -2.50 -61.90
C LEU A 151 1.05 -2.15 -60.68
N ASN A 152 1.08 -0.86 -60.32
CA ASN A 152 0.38 -0.43 -59.12
C ASN A 152 -0.95 -1.15 -59.04
N GLN A 153 -1.12 -1.99 -58.02
CA GLN A 153 -2.37 -2.71 -57.91
C GLN A 153 -3.42 -1.78 -57.38
N VAL A 154 -4.64 -2.29 -57.39
CA VAL A 154 -5.74 -1.56 -56.82
C VAL A 154 -6.60 -2.54 -56.01
N TYR A 155 -6.89 -2.15 -54.77
CA TYR A 155 -7.70 -2.95 -53.88
C TYR A 155 -9.13 -2.46 -53.92
N GLN A 156 -10.01 -3.46 -53.76
CA GLN A 156 -11.43 -3.19 -53.58
C GLN A 156 -11.69 -3.44 -52.09
N ILE A 157 -12.43 -2.47 -51.54
CA ILE A 157 -12.86 -2.42 -50.16
C ILE A 157 -14.39 -2.40 -50.18
N MET A 158 -14.96 -3.54 -49.78
CA MET A 158 -16.42 -3.57 -49.71
C MET A 158 -16.92 -3.48 -48.24
N TYR A 159 -17.90 -2.59 -48.04
CA TYR A 159 -18.56 -2.43 -46.75
C TYR A 159 -19.85 -3.25 -46.85
N VAL A 160 -20.12 -4.19 -45.95
CA VAL A 160 -21.37 -4.87 -46.21
C VAL A 160 -22.24 -4.48 -45.07
N PRO A 161 -23.33 -3.72 -45.31
CA PRO A 161 -24.21 -3.27 -44.22
C PRO A 161 -24.85 -4.46 -43.55
N PRO A 162 -25.30 -4.30 -42.30
CA PRO A 162 -25.90 -5.45 -41.57
C PRO A 162 -27.04 -6.23 -42.25
N GLY A 163 -27.03 -7.55 -42.09
CA GLY A 163 -28.06 -8.39 -42.68
C GLY A 163 -27.97 -8.43 -44.20
N ALA A 164 -26.75 -8.39 -44.71
CA ALA A 164 -26.54 -8.45 -46.15
C ALA A 164 -25.66 -9.66 -46.38
N PRO A 165 -25.73 -10.35 -47.53
CA PRO A 165 -24.84 -11.50 -47.77
C PRO A 165 -23.39 -11.03 -47.89
N VAL A 166 -22.46 -11.83 -47.36
CA VAL A 166 -21.02 -11.55 -47.35
C VAL A 166 -20.35 -12.37 -48.45
N PRO A 167 -19.41 -11.83 -49.26
CA PRO A 167 -18.75 -12.64 -50.29
C PRO A 167 -18.14 -13.94 -49.78
N GLU A 168 -18.14 -14.97 -50.65
CA GLU A 168 -17.57 -16.28 -50.38
C GLU A 168 -16.43 -16.57 -51.35
N LYS A 169 -16.73 -16.48 -52.64
CA LYS A 169 -15.72 -16.77 -53.64
C LYS A 169 -14.82 -15.57 -53.78
N TRP A 170 -13.82 -15.67 -54.66
CA TRP A 170 -13.04 -14.47 -54.91
C TRP A 170 -13.90 -13.57 -55.79
N ASP A 171 -14.58 -14.22 -56.72
CA ASP A 171 -15.42 -13.61 -57.74
C ASP A 171 -16.89 -13.92 -57.49
N ASP A 172 -17.30 -13.94 -56.22
CA ASP A 172 -18.69 -14.15 -55.91
C ASP A 172 -19.44 -12.91 -56.39
N TYR A 173 -20.70 -13.09 -56.81
CA TYR A 173 -21.48 -11.96 -57.29
C TYR A 173 -21.52 -10.80 -56.29
N THR A 174 -21.40 -11.08 -54.98
CA THR A 174 -21.49 -10.04 -53.97
C THR A 174 -20.60 -8.84 -54.23
N TRP A 175 -19.39 -9.03 -54.75
CA TRP A 175 -18.60 -7.83 -55.02
C TRP A 175 -19.37 -6.90 -55.95
N GLN A 176 -20.02 -7.44 -56.99
CA GLN A 176 -20.73 -6.62 -57.94
C GLN A 176 -21.99 -5.99 -57.37
N THR A 177 -22.69 -6.70 -56.47
CA THR A 177 -23.99 -6.29 -55.91
C THR A 177 -24.08 -4.86 -55.41
N SER A 178 -24.91 -4.08 -56.12
CA SER A 178 -25.13 -2.65 -55.96
C SER A 178 -25.33 -2.10 -54.55
N SER A 179 -25.91 -2.88 -53.62
CA SER A 179 -26.20 -2.44 -52.26
C SER A 179 -24.92 -1.99 -51.53
N ASN A 180 -23.96 -2.92 -51.53
CA ASN A 180 -22.69 -2.73 -50.86
C ASN A 180 -21.92 -1.52 -51.36
N PRO A 181 -21.75 -0.49 -50.49
CA PRO A 181 -20.85 0.64 -50.79
C PRO A 181 -19.43 0.06 -50.99
N SER A 182 -18.73 0.63 -51.96
CA SER A 182 -17.43 0.07 -52.25
C SER A 182 -16.36 1.15 -52.44
N ILE A 183 -15.14 0.66 -52.33
CA ILE A 183 -13.95 1.47 -52.40
C ILE A 183 -12.90 0.86 -53.31
N PHE A 184 -12.47 1.66 -54.25
CA PHE A 184 -11.33 1.20 -54.98
C PHE A 184 -10.16 2.11 -54.62
N TYR A 185 -9.26 1.56 -53.81
CA TYR A 185 -8.11 2.28 -53.38
C TYR A 185 -6.98 1.80 -54.25
N THR A 186 -6.32 2.68 -55.00
CA THR A 186 -5.14 2.27 -55.74
C THR A 186 -3.88 2.31 -54.83
N TYR A 187 -3.12 1.21 -54.75
CA TYR A 187 -1.99 1.17 -53.83
C TYR A 187 -1.16 2.44 -53.93
N GLY A 188 -0.49 2.76 -52.82
CA GLY A 188 0.38 3.92 -52.82
C GLY A 188 -0.38 5.19 -53.17
N THR A 189 -1.23 5.64 -52.23
CA THR A 189 -2.01 6.84 -52.42
C THR A 189 -2.47 7.28 -51.02
N ALA A 190 -3.31 8.32 -50.93
CA ALA A 190 -3.89 8.74 -49.66
C ALA A 190 -4.74 7.60 -49.12
N PRO A 191 -4.58 7.20 -47.84
CA PRO A 191 -5.37 6.11 -47.29
C PRO A 191 -6.86 6.35 -47.54
N ALA A 192 -7.51 5.27 -47.95
CA ALA A 192 -8.93 5.20 -48.23
C ALA A 192 -9.74 5.51 -46.97
N ARG A 193 -10.97 5.97 -47.14
CA ARG A 193 -11.76 6.21 -45.95
C ARG A 193 -13.26 6.35 -46.25
N ILE A 194 -14.14 5.84 -45.37
CA ILE A 194 -15.59 5.92 -45.55
C ILE A 194 -16.16 6.10 -44.16
N SER A 195 -17.45 6.36 -44.00
CA SER A 195 -17.92 6.41 -42.61
C SER A 195 -19.38 6.01 -42.45
N VAL A 196 -19.65 4.72 -42.16
CA VAL A 196 -21.03 4.25 -42.07
C VAL A 196 -21.63 4.98 -40.89
N PRO A 197 -22.93 5.33 -40.92
CA PRO A 197 -23.53 6.08 -39.80
C PRO A 197 -23.99 4.98 -38.82
N TYR A 198 -24.59 5.38 -37.68
CA TYR A 198 -25.14 4.40 -36.74
C TYR A 198 -26.02 3.38 -37.49
N VAL A 199 -25.89 2.08 -37.26
CA VAL A 199 -26.73 1.27 -38.12
C VAL A 199 -27.47 0.29 -37.26
N GLY A 200 -27.75 0.71 -36.03
CA GLY A 200 -28.45 -0.23 -35.15
C GLY A 200 -29.90 -0.38 -35.62
N ILE A 201 -30.47 -1.58 -35.49
CA ILE A 201 -31.85 -1.70 -35.93
C ILE A 201 -32.74 -1.13 -34.85
N SER A 202 -32.21 -1.17 -33.62
CA SER A 202 -32.80 -0.68 -32.38
C SER A 202 -32.39 0.78 -32.21
N ASN A 203 -32.58 1.33 -30.99
CA ASN A 203 -32.21 2.73 -30.82
C ASN A 203 -30.80 2.95 -30.34
N ALA A 204 -30.01 1.92 -29.99
CA ALA A 204 -28.61 2.12 -29.62
C ALA A 204 -27.91 0.77 -29.59
N TYR A 205 -26.64 0.70 -29.97
CA TYR A 205 -26.00 -0.60 -29.84
C TYR A 205 -26.01 -0.99 -28.37
N SER A 206 -26.19 -2.29 -28.11
CA SER A 206 -26.14 -2.69 -26.71
C SER A 206 -24.78 -3.27 -26.45
N HIS A 207 -24.41 -3.33 -25.16
CA HIS A 207 -23.14 -3.96 -24.87
C HIS A 207 -23.44 -5.15 -23.99
N PHE A 208 -24.65 -5.15 -23.44
CA PHE A 208 -25.01 -6.28 -22.62
C PHE A 208 -26.45 -6.67 -22.88
N TYR A 209 -26.76 -7.92 -22.63
CA TYR A 209 -28.13 -8.28 -22.89
C TYR A 209 -28.60 -9.21 -21.78
N ASP A 210 -29.89 -9.13 -21.44
CA ASP A 210 -30.41 -10.03 -20.43
C ASP A 210 -31.68 -10.67 -21.02
N GLY A 211 -31.48 -11.22 -22.22
CA GLY A 211 -32.55 -11.88 -22.97
C GLY A 211 -31.96 -12.86 -23.98
N PHE A 212 -32.82 -13.50 -24.76
CA PHE A 212 -32.34 -14.49 -25.70
C PHE A 212 -32.88 -14.25 -27.11
N SER A 213 -32.67 -15.24 -27.99
CA SER A 213 -33.14 -15.23 -29.37
C SER A 213 -34.66 -15.45 -29.40
N LEU A 234 -25.78 -8.75 -28.46
CA LEU A 234 -24.77 -8.59 -29.55
C LEU A 234 -25.45 -8.07 -30.83
N ASN A 235 -24.80 -7.08 -31.43
CA ASN A 235 -25.26 -6.39 -32.63
C ASN A 235 -24.22 -6.41 -33.74
N ASP A 236 -24.63 -5.93 -34.91
CA ASP A 236 -23.79 -5.95 -36.08
C ASP A 236 -23.38 -4.53 -36.46
N PHE A 237 -22.33 -4.41 -37.27
CA PHE A 237 -21.86 -3.14 -37.79
C PHE A 237 -21.37 -3.39 -39.21
N GLY A 238 -21.89 -4.43 -39.86
CA GLY A 238 -21.46 -4.82 -41.20
C GLY A 238 -20.18 -5.70 -41.28
N ILE A 239 -19.68 -5.82 -42.51
CA ILE A 239 -18.52 -6.65 -42.79
C ILE A 239 -17.63 -5.83 -43.72
N LEU A 240 -16.30 -5.98 -43.58
CA LEU A 240 -15.43 -5.42 -44.58
C LEU A 240 -14.99 -6.61 -45.43
N ALA A 241 -14.70 -6.35 -46.68
CA ALA A 241 -14.27 -7.39 -47.61
C ALA A 241 -13.25 -6.76 -48.54
N VAL A 242 -12.13 -7.44 -48.69
CA VAL A 242 -11.13 -6.86 -49.55
C VAL A 242 -10.63 -7.94 -50.46
N ARG A 243 -10.36 -7.49 -51.68
CA ARG A 243 -9.82 -8.36 -52.71
C ARG A 243 -9.04 -7.51 -53.72
N VAL A 244 -7.94 -8.09 -54.20
CA VAL A 244 -7.14 -7.39 -55.20
C VAL A 244 -7.95 -7.49 -56.48
N VAL A 245 -7.68 -6.62 -57.46
CA VAL A 245 -8.50 -6.67 -58.66
C VAL A 245 -7.65 -7.01 -59.88
N ASN A 246 -6.37 -6.65 -59.84
CA ASN A 246 -5.50 -7.03 -60.94
C ASN A 246 -5.51 -8.55 -60.92
N ASP A 247 -5.67 -9.21 -62.07
CA ASP A 247 -5.87 -10.66 -62.03
C ASP A 247 -4.64 -11.54 -62.22
N HIS A 248 -4.31 -11.85 -63.47
CA HIS A 248 -3.26 -12.82 -63.75
C HIS A 248 -1.84 -12.39 -63.40
N ASN A 249 -1.64 -11.72 -62.27
CA ASN A 249 -0.28 -11.34 -62.00
C ASN A 249 0.51 -12.61 -61.70
N PRO A 250 1.70 -12.81 -62.31
CA PRO A 250 2.49 -14.02 -62.07
C PRO A 250 3.47 -13.88 -60.91
N THR A 251 3.33 -12.79 -60.16
CA THR A 251 4.18 -12.56 -59.00
C THR A 251 3.29 -12.41 -57.77
N LYS A 252 3.43 -13.32 -56.82
CA LYS A 252 2.61 -13.26 -55.62
C LYS A 252 2.86 -11.92 -54.92
N VAL A 253 1.79 -11.21 -54.55
CA VAL A 253 1.97 -9.94 -53.87
C VAL A 253 1.08 -9.89 -52.65
N THR A 254 1.62 -10.27 -51.50
CA THR A 254 0.77 -10.24 -50.32
C THR A 254 0.56 -8.80 -49.87
N SER A 255 -0.57 -8.53 -49.20
CA SER A 255 -0.82 -7.18 -48.72
C SER A 255 -1.64 -7.15 -47.44
N LYS A 256 -1.16 -6.40 -46.44
CA LYS A 256 -1.97 -6.22 -45.25
C LYS A 256 -2.82 -4.97 -45.44
N ILE A 257 -3.94 -4.87 -44.72
CA ILE A 257 -4.78 -3.68 -44.77
C ILE A 257 -5.21 -3.40 -43.35
N ARG A 258 -4.59 -2.44 -42.69
CA ARG A 258 -5.02 -2.14 -41.34
C ARG A 258 -6.31 -1.34 -41.45
N VAL A 259 -7.21 -1.60 -40.51
CA VAL A 259 -8.43 -0.81 -40.54
C VAL A 259 -8.35 0.06 -39.29
N TYR A 260 -8.62 1.34 -39.44
CA TYR A 260 -8.55 2.24 -38.32
C TYR A 260 -9.90 2.88 -38.14
N LEU A 261 -10.71 2.15 -37.36
CA LEU A 261 -12.05 2.52 -36.95
C LEU A 261 -11.90 3.59 -35.86
N LYS A 262 -12.77 4.62 -35.86
CA LYS A 262 -12.64 5.69 -34.88
C LYS A 262 -14.01 6.28 -34.53
N PRO A 263 -14.66 5.83 -33.43
CA PRO A 263 -16.02 6.27 -33.11
C PRO A 263 -16.16 7.79 -33.11
N LYS A 264 -17.25 8.28 -33.73
CA LYS A 264 -17.50 9.69 -33.94
C LYS A 264 -18.96 9.99 -33.61
N HIS A 265 -19.23 11.15 -33.00
CA HIS A 265 -20.58 11.46 -32.54
C HIS A 265 -21.00 10.33 -31.60
N ILE A 266 -20.36 10.20 -30.44
CA ILE A 266 -20.70 9.07 -29.59
C ILE A 266 -21.66 9.63 -28.58
N ARG A 267 -22.39 8.76 -27.90
CA ARG A 267 -23.30 9.08 -26.81
C ARG A 267 -23.49 7.79 -26.02
N VAL A 268 -23.34 7.81 -24.71
CA VAL A 268 -23.48 6.52 -24.03
C VAL A 268 -24.61 6.54 -22.98
N TRP A 269 -24.97 5.34 -22.45
CA TRP A 269 -25.94 5.24 -21.36
C TRP A 269 -25.55 4.20 -20.31
N CYS A 270 -25.98 4.48 -19.04
CA CYS A 270 -25.90 3.66 -17.84
C CYS A 270 -24.49 3.15 -17.64
N PRO A 271 -23.63 3.96 -16.97
CA PRO A 271 -22.23 3.57 -16.78
C PRO A 271 -22.23 2.30 -15.93
N ARG A 272 -21.22 1.44 -16.13
CA ARG A 272 -21.09 0.24 -15.33
C ARG A 272 -19.66 0.16 -14.85
N PRO A 273 -19.39 -0.56 -13.74
CA PRO A 273 -18.02 -0.70 -13.25
C PRO A 273 -17.21 -1.33 -14.38
N PRO A 274 -15.92 -0.99 -14.59
CA PRO A 274 -15.12 -1.58 -15.68
C PRO A 274 -14.52 -2.94 -15.32
N ARG A 275 -14.41 -3.82 -16.35
CA ARG A 275 -13.88 -5.15 -16.16
C ARG A 275 -12.37 -5.05 -15.99
N ALA A 276 -11.80 -5.93 -15.16
CA ALA A 276 -10.36 -5.97 -14.93
C ALA A 276 -9.63 -6.26 -16.24
N VAL A 277 -8.53 -5.53 -16.49
CA VAL A 277 -7.73 -5.68 -17.69
C VAL A 277 -7.59 -7.15 -18.06
N ALA A 278 -7.33 -7.95 -17.03
CA ALA A 278 -7.09 -9.37 -17.15
C ALA A 278 -8.05 -10.14 -18.05
N TYR A 279 -9.36 -10.13 -17.76
CA TYR A 279 -10.14 -11.06 -18.56
C TYR A 279 -10.54 -10.55 -19.95
N TYR A 280 -9.83 -11.04 -20.95
CA TYR A 280 -10.04 -10.73 -22.36
C TYR A 280 -9.25 -11.70 -23.26
N ARG B 12 -43.59 7.76 12.87
CA ARG B 12 -44.55 8.01 11.74
C ARG B 12 -44.40 6.90 10.71
N VAL B 13 -45.53 6.42 10.17
CA VAL B 13 -45.51 5.34 9.20
C VAL B 13 -46.55 5.61 8.11
N LEU B 14 -46.10 5.66 6.85
CA LEU B 14 -47.00 5.90 5.74
C LEU B 14 -47.53 4.55 5.29
N GLN B 15 -48.79 4.52 4.86
CA GLN B 15 -49.41 3.27 4.42
C GLN B 15 -49.83 3.42 2.97
N LEU B 16 -48.96 2.94 2.08
CA LEU B 16 -49.12 3.09 0.64
C LEU B 16 -50.09 2.03 0.14
N THR B 17 -50.94 2.42 -0.81
CA THR B 17 -51.96 1.52 -1.35
C THR B 17 -51.95 1.46 -2.88
N LEU B 18 -52.23 0.27 -3.40
CA LEU B 18 -52.34 0.05 -4.83
C LEU B 18 -53.40 -1.03 -4.97
N GLY B 19 -54.64 -0.56 -4.84
CA GLY B 19 -55.79 -1.44 -4.91
C GLY B 19 -55.71 -2.48 -3.80
N ASN B 20 -55.88 -3.73 -4.21
CA ASN B 20 -55.92 -4.82 -3.26
C ASN B 20 -54.64 -5.00 -2.44
N SER B 21 -53.61 -4.15 -2.62
CA SER B 21 -52.42 -4.38 -1.80
C SER B 21 -52.03 -3.12 -1.03
N THR B 22 -51.48 -3.33 0.17
CA THR B 22 -51.05 -2.20 0.99
C THR B 22 -49.78 -2.55 1.76
N ILE B 23 -48.87 -1.58 1.75
CA ILE B 23 -47.57 -1.74 2.39
C ILE B 23 -47.39 -0.62 3.40
N THR B 24 -46.92 -0.98 4.60
CA THR B 24 -46.59 0.12 5.50
C THR B 24 -45.11 0.43 5.32
N THR B 25 -44.79 1.73 5.35
CA THR B 25 -43.41 2.17 5.19
C THR B 25 -43.08 3.23 6.23
N GLN B 26 -41.95 3.02 6.92
CA GLN B 26 -41.53 3.96 7.95
C GLN B 26 -41.49 5.35 7.31
N GLU B 27 -40.44 5.61 6.52
CA GLU B 27 -40.25 6.90 5.85
C GLU B 27 -39.46 6.74 4.55
N ALA B 28 -40.20 6.86 3.44
CA ALA B 28 -39.60 6.76 2.12
C ALA B 28 -38.87 8.08 1.82
N ALA B 29 -38.04 8.50 2.77
CA ALA B 29 -37.27 9.73 2.62
C ALA B 29 -36.01 9.46 1.83
N ASN B 30 -35.50 8.23 2.01
CA ASN B 30 -34.29 7.76 1.37
C ASN B 30 -34.63 6.97 0.11
N SER B 31 -35.62 7.44 -0.66
CA SER B 31 -35.98 6.81 -1.91
C SER B 31 -35.07 7.31 -3.03
N VAL B 32 -34.56 6.38 -3.85
CA VAL B 32 -33.66 6.77 -4.90
C VAL B 32 -34.23 6.33 -6.23
N VAL B 33 -34.34 7.30 -7.15
CA VAL B 33 -34.79 6.97 -8.50
C VAL B 33 -33.54 6.88 -9.34
N ALA B 34 -33.33 5.70 -9.93
CA ALA B 34 -32.16 5.39 -10.74
C ALA B 34 -31.96 6.42 -11.85
N TYR B 35 -30.77 7.02 -11.88
CA TYR B 35 -30.54 8.01 -12.94
C TYR B 35 -31.51 9.18 -12.83
N GLY B 36 -32.05 9.41 -11.63
CA GLY B 36 -32.94 10.53 -11.39
C GLY B 36 -33.96 10.70 -12.51
N ARG B 37 -34.37 9.60 -13.12
CA ARG B 37 -35.39 9.69 -14.14
C ARG B 37 -36.58 8.98 -13.55
N TRP B 38 -37.68 9.69 -13.37
CA TRP B 38 -38.84 9.01 -12.83
C TRP B 38 -39.41 8.13 -13.95
N PRO B 39 -39.95 6.90 -13.74
CA PRO B 39 -40.52 6.14 -14.85
C PRO B 39 -41.84 6.80 -15.24
N GLU B 40 -42.12 6.83 -16.56
CA GLU B 40 -43.38 7.36 -17.09
C GLU B 40 -43.74 6.52 -18.30
N TYR B 41 -44.86 6.84 -18.98
CA TYR B 41 -45.22 6.03 -20.12
C TYR B 41 -44.43 6.38 -21.37
N LEU B 42 -44.93 5.96 -22.52
CA LEU B 42 -44.30 6.41 -23.75
C LEU B 42 -44.91 7.77 -24.10
N ARG B 43 -44.05 8.77 -24.25
CA ARG B 43 -44.56 10.08 -24.61
C ARG B 43 -44.93 10.00 -26.09
N ASP B 44 -45.68 11.01 -26.57
CA ASP B 44 -46.14 11.09 -27.95
C ASP B 44 -45.02 10.78 -28.94
N SER B 45 -43.77 11.14 -28.60
CA SER B 45 -42.63 10.89 -29.46
C SER B 45 -42.04 9.50 -29.18
N PRO B 49 -52.37 6.15 -29.61
CA PRO B 49 -53.16 5.20 -30.41
C PRO B 49 -52.39 4.67 -31.61
N VAL B 50 -51.81 5.58 -32.40
CA VAL B 50 -51.03 5.22 -33.57
C VAL B 50 -49.75 4.51 -33.10
N ASP B 51 -49.32 4.88 -31.88
CA ASP B 51 -48.13 4.31 -31.25
C ASP B 51 -48.50 3.10 -30.39
N GLN B 52 -49.70 2.53 -30.66
CA GLN B 52 -50.29 1.35 -30.04
C GLN B 52 -49.99 1.26 -28.54
N PRO B 53 -50.40 2.27 -27.73
CA PRO B 53 -50.13 2.23 -26.30
C PRO B 53 -51.28 1.62 -25.50
N THR B 54 -51.50 0.30 -25.68
CA THR B 54 -52.53 -0.38 -24.90
C THR B 54 -52.19 -0.07 -23.45
N GLU B 55 -53.14 0.57 -22.75
CA GLU B 55 -52.84 1.04 -21.41
C GLU B 55 -53.65 0.37 -20.30
N PRO B 56 -53.17 -0.76 -19.72
CA PRO B 56 -53.84 -1.38 -18.59
C PRO B 56 -53.09 -1.07 -17.29
N ASP B 57 -53.19 0.19 -16.85
CA ASP B 57 -52.58 0.64 -15.60
C ASP B 57 -53.66 0.59 -14.53
N VAL B 58 -54.07 -0.64 -14.21
CA VAL B 58 -55.16 -0.83 -13.28
C VAL B 58 -54.78 -1.74 -12.12
N ALA B 59 -54.76 -3.05 -12.36
CA ALA B 59 -54.47 -3.99 -11.29
C ALA B 59 -53.09 -4.61 -11.44
N ALA B 60 -52.42 -4.36 -12.56
CA ALA B 60 -51.08 -4.93 -12.69
C ALA B 60 -50.10 -4.05 -11.91
N CYS B 61 -50.57 -2.87 -11.48
CA CYS B 61 -49.78 -1.89 -10.74
C CYS B 61 -50.08 -1.92 -9.24
N ARG B 62 -49.83 -3.06 -8.61
CA ARG B 62 -50.05 -3.24 -7.18
C ARG B 62 -48.79 -3.84 -6.57
N PHE B 63 -48.38 -3.37 -5.37
CA PHE B 63 -47.22 -3.91 -4.71
C PHE B 63 -47.32 -5.43 -4.56
N TYR B 64 -46.39 -6.17 -5.16
CA TYR B 64 -46.37 -7.61 -4.97
C TYR B 64 -45.30 -7.89 -3.94
N THR B 65 -45.34 -9.07 -3.33
CA THR B 65 -44.31 -9.32 -2.34
C THR B 65 -43.65 -10.68 -2.56
N LEU B 66 -42.34 -10.64 -2.81
CA LEU B 66 -41.64 -11.89 -3.09
C LEU B 66 -41.44 -12.60 -1.76
N ASP B 67 -41.26 -13.92 -1.83
CA ASP B 67 -40.98 -14.71 -0.65
C ASP B 67 -39.69 -14.15 -0.06
N THR B 68 -39.73 -13.84 1.22
CA THR B 68 -38.61 -13.29 1.96
C THR B 68 -37.41 -14.24 2.04
N VAL B 69 -36.20 -13.67 1.96
CA VAL B 69 -35.03 -14.51 2.11
C VAL B 69 -34.56 -14.33 3.54
N SER B 70 -33.77 -15.29 4.00
CA SER B 70 -33.29 -15.20 5.37
C SER B 70 -31.79 -14.90 5.37
N TRP B 71 -31.46 -13.64 5.61
CA TRP B 71 -30.07 -13.25 5.69
C TRP B 71 -29.40 -13.83 6.91
N THR B 72 -28.22 -14.41 6.77
CA THR B 72 -27.66 -15.02 7.98
C THR B 72 -26.22 -14.55 8.13
N LYS B 73 -25.42 -15.25 8.96
CA LYS B 73 -24.03 -14.85 9.06
C LYS B 73 -23.36 -15.06 7.70
N GLU B 74 -23.29 -16.32 7.28
CA GLU B 74 -22.63 -16.71 6.06
C GLU B 74 -23.50 -16.55 4.79
N SER B 75 -24.48 -15.64 4.78
CA SER B 75 -25.26 -15.40 3.57
C SER B 75 -24.36 -14.65 2.61
N ARG B 76 -24.27 -15.07 1.35
CA ARG B 76 -23.39 -14.34 0.46
C ARG B 76 -24.13 -13.13 -0.10
N GLY B 77 -25.27 -13.39 -0.77
CA GLY B 77 -26.12 -12.38 -1.38
C GLY B 77 -27.27 -13.00 -2.23
N TRP B 78 -28.22 -12.14 -2.63
CA TRP B 78 -29.36 -12.55 -3.43
C TRP B 78 -29.47 -11.67 -4.65
N TRP B 79 -30.30 -12.10 -5.62
CA TRP B 79 -30.57 -11.35 -6.85
C TRP B 79 -31.83 -11.86 -7.56
N TRP B 80 -32.52 -10.92 -8.21
CA TRP B 80 -33.77 -11.14 -8.92
C TRP B 80 -33.72 -10.37 -10.23
N LYS B 81 -34.19 -10.98 -11.32
CA LYS B 81 -34.24 -10.19 -12.53
C LYS B 81 -35.64 -9.61 -12.62
N LEU B 82 -35.80 -8.44 -13.22
CA LEU B 82 -37.12 -7.86 -13.40
C LEU B 82 -37.21 -7.61 -14.88
N PRO B 83 -38.37 -7.80 -15.56
CA PRO B 83 -39.62 -8.19 -14.95
C PRO B 83 -39.62 -9.59 -14.42
N ASP B 84 -38.81 -10.52 -14.99
CA ASP B 84 -38.77 -11.92 -14.57
C ASP B 84 -39.50 -12.22 -13.26
N ALA B 85 -38.96 -11.73 -12.13
CA ALA B 85 -39.52 -11.93 -10.80
C ALA B 85 -41.05 -12.08 -10.86
N LEU B 86 -41.70 -11.07 -11.43
CA LEU B 86 -43.12 -11.08 -11.52
C LEU B 86 -43.62 -11.94 -12.68
N ARG B 87 -42.93 -13.02 -13.06
CA ARG B 87 -43.45 -13.83 -14.16
C ARG B 87 -44.57 -14.74 -13.62
N ASP B 88 -45.13 -14.38 -12.47
CA ASP B 88 -46.14 -15.22 -11.85
C ASP B 88 -47.05 -14.37 -10.96
N MET B 89 -46.52 -13.27 -10.43
CA MET B 89 -47.32 -12.39 -9.59
C MET B 89 -48.61 -12.03 -10.30
N GLY B 90 -49.54 -12.97 -10.26
CA GLY B 90 -50.86 -12.79 -10.83
C GLY B 90 -50.91 -11.95 -12.10
N LEU B 91 -51.70 -10.89 -12.04
CA LEU B 91 -52.03 -10.10 -13.21
C LEU B 91 -50.83 -9.77 -14.11
N PHE B 92 -49.93 -8.94 -13.57
CA PHE B 92 -48.75 -8.54 -14.28
C PHE B 92 -48.14 -9.74 -15.01
N GLY B 93 -47.88 -10.82 -14.28
CA GLY B 93 -47.41 -12.03 -14.92
C GLY B 93 -48.31 -12.42 -16.09
N GLN B 94 -49.63 -12.24 -15.97
CA GLN B 94 -50.51 -12.58 -17.08
C GLN B 94 -50.15 -11.67 -18.24
N ASN B 95 -50.26 -10.36 -18.00
CA ASN B 95 -49.98 -9.36 -19.03
C ASN B 95 -48.74 -9.65 -19.85
N MET B 96 -47.78 -10.36 -19.24
CA MET B 96 -46.57 -10.73 -19.93
C MET B 96 -46.79 -12.03 -20.67
N TYR B 97 -47.97 -12.19 -21.27
CA TYR B 97 -48.19 -13.35 -22.10
C TYR B 97 -49.30 -12.96 -23.05
N TYR B 98 -50.43 -12.47 -22.53
CA TYR B 98 -51.42 -12.07 -23.51
C TYR B 98 -50.83 -10.96 -24.37
N HIS B 99 -49.70 -10.40 -23.92
CA HIS B 99 -49.11 -9.31 -24.68
C HIS B 99 -47.77 -9.71 -25.23
N TYR B 100 -47.45 -9.19 -26.42
CA TYR B 100 -46.17 -9.48 -27.05
C TYR B 100 -45.14 -8.47 -26.56
N LEU B 101 -45.57 -7.20 -26.54
CA LEU B 101 -44.71 -6.11 -26.11
C LEU B 101 -45.24 -5.44 -24.85
N GLY B 102 -44.31 -4.82 -24.13
CA GLY B 102 -44.61 -4.11 -22.90
C GLY B 102 -43.37 -3.37 -22.42
N ARG B 103 -43.50 -2.66 -21.29
CA ARG B 103 -42.40 -1.90 -20.72
C ARG B 103 -42.91 -1.34 -19.41
N SER B 104 -42.27 -1.72 -18.29
CA SER B 104 -42.73 -1.14 -17.05
C SER B 104 -41.55 -0.63 -16.23
N GLY B 105 -41.82 0.41 -15.44
CA GLY B 105 -40.77 0.76 -14.52
C GLY B 105 -41.05 -0.12 -13.31
N TYR B 106 -40.61 0.32 -12.17
CA TYR B 106 -40.85 -0.47 -11.00
C TYR B 106 -40.30 0.29 -9.81
N THR B 107 -41.07 0.17 -8.74
CA THR B 107 -40.57 0.63 -7.48
C THR B 107 -40.25 -0.65 -6.74
N VAL B 108 -38.99 -0.78 -6.37
CA VAL B 108 -38.62 -1.94 -5.58
C VAL B 108 -38.46 -1.37 -4.16
N HIS B 109 -39.04 -2.09 -3.20
CA HIS B 109 -39.10 -1.58 -1.84
C HIS B 109 -38.55 -2.68 -0.92
N VAL B 110 -37.26 -2.61 -0.54
CA VAL B 110 -36.67 -3.65 0.30
C VAL B 110 -36.55 -3.23 1.78
N GLN B 111 -37.41 -3.81 2.63
CA GLN B 111 -37.28 -3.58 4.04
C GLN B 111 -36.71 -4.87 4.57
N CYS B 112 -36.05 -4.77 5.73
CA CYS B 112 -35.56 -5.94 6.43
C CYS B 112 -35.59 -5.56 7.89
N ASN B 113 -36.71 -5.87 8.52
CA ASN B 113 -36.88 -5.59 9.92
C ASN B 113 -35.92 -6.48 10.69
N ALA B 114 -35.20 -5.87 11.66
CA ALA B 114 -34.22 -6.47 12.58
C ALA B 114 -34.32 -5.71 13.88
N SER B 115 -33.81 -6.31 14.96
CA SER B 115 -33.85 -5.64 16.25
C SER B 115 -32.65 -4.72 16.32
N LYS B 116 -32.74 -3.79 17.29
CA LYS B 116 -31.70 -2.83 17.56
C LYS B 116 -30.40 -3.54 17.91
N PHE B 117 -30.44 -4.86 18.11
CA PHE B 117 -29.22 -5.58 18.44
C PHE B 117 -28.69 -6.42 17.27
N HIS B 118 -28.83 -5.91 16.04
CA HIS B 118 -28.26 -6.62 14.92
C HIS B 118 -27.42 -5.64 14.12
N GLN B 119 -26.10 -5.78 14.18
CA GLN B 119 -25.28 -4.88 13.39
C GLN B 119 -25.24 -5.54 12.04
N GLY B 120 -25.17 -4.75 10.96
CA GLY B 120 -25.08 -5.31 9.61
C GLY B 120 -25.36 -4.28 8.53
N ALA B 121 -25.06 -4.61 7.26
CA ALA B 121 -25.31 -3.64 6.20
C ALA B 121 -25.44 -4.34 4.85
N LEU B 122 -26.49 -3.99 4.07
CA LEU B 122 -26.69 -4.55 2.73
C LEU B 122 -26.62 -3.45 1.70
N GLY B 123 -26.17 -3.82 0.52
CA GLY B 123 -26.18 -2.89 -0.59
C GLY B 123 -27.24 -3.37 -1.61
N VAL B 124 -28.21 -2.52 -1.92
CA VAL B 124 -29.12 -2.95 -2.95
C VAL B 124 -28.69 -2.21 -4.23
N PHE B 125 -28.40 -3.02 -5.23
CA PHE B 125 -27.96 -2.56 -6.52
C PHE B 125 -28.93 -2.90 -7.64
N ALA B 126 -29.44 -1.83 -8.26
CA ALA B 126 -30.23 -2.05 -9.46
C ALA B 126 -29.20 -2.01 -10.60
N VAL B 127 -29.24 -2.98 -11.50
CA VAL B 127 -28.24 -3.07 -12.53
C VAL B 127 -28.95 -3.21 -13.85
N PRO B 128 -28.92 -2.21 -14.73
CA PRO B 128 -29.57 -2.34 -16.04
C PRO B 128 -28.88 -3.47 -16.81
N GLU B 129 -29.67 -4.29 -17.50
CA GLU B 129 -29.15 -5.41 -18.27
C GLU B 129 -28.13 -6.15 -17.43
N MET B 130 -28.62 -6.78 -16.37
CA MET B 130 -27.65 -7.44 -15.51
C MET B 130 -27.33 -8.84 -16.03
N CYS B 131 -26.40 -8.91 -16.96
CA CYS B 131 -25.96 -10.19 -17.48
C CYS B 131 -25.07 -10.87 -16.43
N LEU B 132 -25.65 -11.78 -15.64
CA LEU B 132 -24.85 -12.51 -14.66
C LEU B 132 -24.13 -13.61 -15.41
N ALA B 133 -22.79 -13.54 -15.39
CA ALA B 133 -22.04 -14.58 -16.07
C ALA B 133 -21.97 -15.79 -15.14
N GLY B 134 -20.92 -16.61 -15.30
CA GLY B 134 -20.73 -17.80 -14.47
C GLY B 134 -20.24 -17.48 -13.08
N THR B 143 -26.83 -18.94 -19.00
CA THR B 143 -26.29 -19.69 -20.17
C THR B 143 -27.36 -20.63 -20.70
N SER B 144 -28.42 -20.83 -19.91
CA SER B 144 -29.54 -21.67 -20.29
C SER B 144 -30.77 -21.08 -19.61
N TYR B 145 -31.51 -20.27 -20.38
CA TYR B 145 -32.69 -19.55 -19.95
C TYR B 145 -33.00 -19.76 -18.47
N GLN B 146 -33.54 -20.94 -18.14
CA GLN B 146 -33.93 -21.30 -16.78
C GLN B 146 -32.84 -20.99 -15.75
N ASN B 147 -31.58 -21.20 -16.14
CA ASN B 147 -30.42 -20.93 -15.29
C ASN B 147 -30.42 -19.46 -14.89
N ALA B 148 -30.69 -18.57 -15.84
CA ALA B 148 -30.60 -17.15 -15.53
C ALA B 148 -31.95 -16.50 -15.18
N ASN B 149 -32.96 -17.31 -14.85
CA ASN B 149 -34.25 -16.75 -14.53
C ASN B 149 -34.83 -17.50 -13.36
N PRO B 150 -34.40 -17.14 -12.14
CA PRO B 150 -34.90 -17.83 -10.95
C PRO B 150 -36.31 -17.41 -10.53
N GLY B 151 -37.07 -16.85 -11.48
CA GLY B 151 -38.44 -16.43 -11.20
C GLY B 151 -38.65 -15.54 -9.96
N GLU B 152 -39.40 -16.05 -8.98
CA GLU B 152 -39.80 -15.29 -7.83
C GLU B 152 -38.94 -15.58 -6.61
N LYS B 153 -38.18 -16.69 -6.59
CA LYS B 153 -37.41 -16.99 -5.39
C LYS B 153 -36.01 -16.37 -5.47
N GLY B 154 -35.73 -15.75 -6.62
CA GLY B 154 -34.46 -15.10 -6.86
C GLY B 154 -33.32 -16.11 -6.92
N GLY B 155 -32.10 -15.64 -7.20
CA GLY B 155 -30.91 -16.47 -7.27
C GLY B 155 -29.93 -16.01 -6.19
N THR B 156 -29.06 -16.89 -5.74
CA THR B 156 -28.15 -16.48 -4.68
C THR B 156 -26.72 -16.42 -5.20
N PHE B 157 -25.82 -15.72 -4.48
CA PHE B 157 -24.42 -15.69 -4.88
C PHE B 157 -23.61 -16.73 -4.12
N THR B 158 -22.31 -16.78 -4.47
CA THR B 158 -21.38 -17.64 -3.74
C THR B 158 -20.03 -16.92 -3.68
N GLY B 159 -19.24 -17.23 -2.62
CA GLY B 159 -17.99 -16.57 -2.32
C GLY B 159 -16.72 -17.24 -2.84
N THR B 160 -16.84 -17.96 -3.96
CA THR B 160 -15.72 -18.64 -4.61
C THR B 160 -16.07 -18.88 -6.07
N PHE B 174 -25.85 -23.45 -9.77
CA PHE B 174 -24.69 -22.57 -10.04
C PHE B 174 -24.87 -21.28 -9.25
N CYS B 175 -23.77 -20.56 -9.01
CA CYS B 175 -23.81 -19.29 -8.29
C CYS B 175 -22.69 -18.37 -8.75
N PRO B 176 -23.02 -17.31 -9.49
CA PRO B 176 -22.01 -16.34 -9.90
C PRO B 176 -21.30 -15.85 -8.64
N VAL B 177 -20.02 -15.50 -8.80
CA VAL B 177 -19.21 -15.00 -7.70
C VAL B 177 -19.80 -13.67 -7.28
N ASP B 178 -20.01 -13.55 -5.97
CA ASP B 178 -20.59 -12.40 -5.28
C ASP B 178 -19.83 -11.09 -5.48
N TYR B 179 -18.55 -11.03 -5.06
CA TYR B 179 -17.78 -9.80 -5.13
C TYR B 179 -17.48 -9.42 -6.58
N LEU B 180 -18.06 -10.18 -7.54
CA LEU B 180 -17.91 -9.99 -8.97
C LEU B 180 -19.25 -9.62 -9.63
N LEU B 181 -20.33 -10.27 -9.16
CA LEU B 181 -21.68 -10.17 -9.73
C LEU B 181 -21.60 -10.86 -11.08
N GLY B 182 -21.03 -12.07 -11.06
CA GLY B 182 -20.80 -12.87 -12.25
C GLY B 182 -19.61 -12.32 -13.02
N ASN B 183 -19.82 -11.13 -13.61
CA ASN B 183 -18.86 -10.37 -14.38
C ASN B 183 -17.63 -10.02 -13.52
N GLY B 184 -16.45 -10.55 -13.90
CA GLY B 184 -15.21 -10.37 -13.16
C GLY B 184 -14.84 -8.93 -12.76
N THR B 185 -15.76 -8.23 -12.09
CA THR B 185 -15.60 -6.85 -11.63
C THR B 185 -15.24 -6.85 -10.14
N LEU B 186 -14.57 -5.79 -9.65
CA LEU B 186 -14.29 -5.67 -8.23
C LEU B 186 -15.52 -5.03 -7.57
N LEU B 187 -16.06 -5.71 -6.56
CA LEU B 187 -17.27 -5.25 -5.87
C LEU B 187 -17.29 -3.72 -5.69
N GLY B 188 -16.30 -3.20 -4.94
CA GLY B 188 -16.11 -1.78 -4.63
C GLY B 188 -16.59 -0.77 -5.69
N ASN B 189 -16.88 -1.23 -6.90
CA ASN B 189 -17.30 -0.29 -7.93
C ASN B 189 -18.81 -0.35 -8.15
N ALA B 190 -19.46 -1.38 -7.59
CA ALA B 190 -20.89 -1.54 -7.76
C ALA B 190 -21.66 -0.21 -7.66
N PHE B 191 -21.39 0.54 -6.60
CA PHE B 191 -22.03 1.81 -6.29
C PHE B 191 -22.31 2.70 -7.51
N VAL B 192 -21.73 2.39 -8.69
CA VAL B 192 -22.10 3.23 -9.82
C VAL B 192 -23.57 3.02 -10.15
N PHE B 193 -23.97 1.74 -10.23
CA PHE B 193 -25.32 1.30 -10.50
C PHE B 193 -26.30 1.78 -9.44
N PRO B 194 -27.44 2.42 -9.78
CA PRO B 194 -28.40 2.91 -8.77
C PRO B 194 -28.41 2.03 -7.52
N HIS B 195 -27.98 2.60 -6.38
CA HIS B 195 -27.83 1.72 -5.22
C HIS B 195 -28.23 2.41 -3.93
N GLN B 196 -28.54 1.61 -2.92
CA GLN B 196 -28.82 2.17 -1.60
C GLN B 196 -28.34 1.18 -0.55
N ILE B 197 -27.69 1.67 0.53
CA ILE B 197 -27.15 0.80 1.56
C ILE B 197 -28.00 0.69 2.82
N ILE B 198 -28.45 -0.52 3.08
CA ILE B 198 -29.20 -0.73 4.29
C ILE B 198 -28.18 -1.00 5.40
N ASN B 199 -27.64 0.07 5.99
CA ASN B 199 -26.82 -0.09 7.16
C ASN B 199 -27.79 -0.23 8.36
N LEU B 200 -27.91 -1.44 8.95
CA LEU B 200 -28.85 -1.68 10.05
C LEU B 200 -28.84 -0.63 11.14
N ARG B 201 -27.68 -0.16 11.62
CA ARG B 201 -27.71 0.82 12.69
C ARG B 201 -28.08 2.20 12.15
N THR B 202 -29.19 2.24 11.42
CA THR B 202 -29.73 3.44 10.79
C THR B 202 -31.01 2.94 10.12
N ASN B 203 -31.29 3.38 8.89
CA ASN B 203 -32.49 2.94 8.18
C ASN B 203 -32.51 1.42 8.04
N ASN B 204 -33.71 0.84 8.10
CA ASN B 204 -33.81 -0.60 7.95
C ASN B 204 -34.59 -0.90 6.68
N CYS B 205 -34.76 0.11 5.84
CA CYS B 205 -35.48 -0.14 4.59
C CYS B 205 -34.73 0.55 3.46
N ALA B 206 -35.17 0.30 2.23
CA ALA B 206 -34.52 0.87 1.06
C ALA B 206 -35.50 0.78 -0.09
N THR B 207 -35.50 1.81 -0.95
CA THR B 207 -36.46 1.81 -2.04
C THR B 207 -35.83 2.32 -3.34
N LEU B 208 -35.47 1.39 -4.22
CA LEU B 208 -34.99 1.84 -5.51
C LEU B 208 -36.22 2.05 -6.39
N VAL B 209 -36.15 3.04 -7.30
CA VAL B 209 -37.25 3.28 -8.22
C VAL B 209 -36.71 3.17 -9.63
N LEU B 210 -36.83 2.01 -10.28
CA LEU B 210 -36.22 1.95 -11.62
C LEU B 210 -37.15 2.47 -12.67
N PRO B 211 -36.70 3.22 -13.69
CA PRO B 211 -37.61 3.67 -14.77
C PRO B 211 -37.28 2.63 -15.86
N TYR B 212 -38.14 2.54 -16.90
CA TYR B 212 -37.89 1.57 -17.97
C TYR B 212 -36.59 1.94 -18.69
N VAL B 213 -35.71 0.96 -18.91
CA VAL B 213 -34.46 1.27 -19.57
C VAL B 213 -34.17 0.19 -20.58
N ASN B 214 -33.80 0.62 -21.79
CA ASN B 214 -33.52 -0.37 -22.80
C ASN B 214 -33.10 0.33 -24.08
N SER B 215 -32.47 -0.43 -24.96
CA SER B 215 -32.04 0.03 -26.27
C SER B 215 -33.25 0.21 -27.22
N LEU B 216 -34.47 -0.11 -26.78
CA LEU B 216 -35.67 0.01 -27.59
C LEU B 216 -36.67 0.92 -26.90
N SER B 217 -37.85 1.10 -27.51
CA SER B 217 -38.79 1.97 -26.82
C SER B 217 -39.84 1.15 -26.07
N ILE B 218 -40.02 -0.11 -26.51
CA ILE B 218 -40.92 -1.09 -25.93
C ILE B 218 -40.29 -2.44 -26.22
N ASP B 219 -40.82 -3.56 -25.73
CA ASP B 219 -40.09 -4.79 -25.96
C ASP B 219 -40.85 -5.97 -25.41
N SER B 220 -40.32 -7.18 -25.65
CA SER B 220 -40.97 -8.39 -25.16
C SER B 220 -40.63 -8.57 -23.69
N MET B 221 -41.59 -8.25 -22.83
CA MET B 221 -41.36 -8.33 -21.40
C MET B 221 -40.87 -9.71 -20.98
N VAL B 222 -41.17 -10.72 -21.79
CA VAL B 222 -40.80 -12.04 -21.33
C VAL B 222 -39.35 -12.44 -21.56
N LYS B 223 -38.85 -12.31 -22.78
CA LYS B 223 -37.51 -12.82 -23.06
C LYS B 223 -36.47 -11.70 -23.07
N HIS B 224 -36.34 -11.00 -21.95
CA HIS B 224 -35.39 -9.91 -21.80
C HIS B 224 -35.64 -9.13 -20.51
N ASN B 225 -34.76 -9.31 -19.53
CA ASN B 225 -34.94 -8.70 -18.22
C ASN B 225 -34.26 -7.35 -18.09
N ASN B 226 -35.00 -6.27 -18.36
CA ASN B 226 -34.42 -4.95 -18.28
C ASN B 226 -33.52 -4.76 -17.07
N TRP B 227 -34.09 -4.87 -15.88
CA TRP B 227 -33.24 -4.70 -14.71
C TRP B 227 -32.79 -6.03 -14.09
N GLY B 228 -32.36 -5.93 -12.83
CA GLY B 228 -31.84 -7.01 -12.03
C GLY B 228 -31.36 -6.41 -10.71
N ILE B 229 -32.00 -6.83 -9.62
CA ILE B 229 -31.71 -6.32 -8.30
C ILE B 229 -30.81 -7.31 -7.57
N ALA B 230 -29.65 -6.85 -7.12
CA ALA B 230 -28.77 -7.70 -6.35
C ALA B 230 -28.61 -7.09 -4.96
N ILE B 231 -28.71 -7.95 -3.94
CA ILE B 231 -28.56 -7.46 -2.59
C ILE B 231 -27.35 -8.12 -1.97
N LEU B 232 -26.30 -7.32 -1.73
CA LEU B 232 -25.18 -7.98 -1.07
C LEU B 232 -24.93 -7.39 0.31
N PRO B 233 -24.45 -8.28 1.20
CA PRO B 233 -24.10 -7.88 2.55
C PRO B 233 -22.67 -7.37 2.46
N LEU B 234 -22.52 -6.07 2.78
CA LEU B 234 -21.26 -5.33 2.88
C LEU B 234 -20.68 -5.67 4.25
N ALA B 235 -21.29 -5.16 5.32
CA ALA B 235 -20.83 -5.53 6.66
C ALA B 235 -21.48 -6.87 6.99
N PRO B 236 -20.74 -7.89 7.47
CA PRO B 236 -21.37 -9.19 7.73
C PRO B 236 -22.36 -9.10 8.89
N LEU B 237 -23.52 -9.76 8.71
CA LEU B 237 -24.55 -9.78 9.72
C LEU B 237 -24.03 -10.37 11.02
N ASN B 238 -24.12 -9.59 12.09
CA ASN B 238 -23.72 -10.06 13.40
C ASN B 238 -24.78 -9.58 14.41
N PHE B 239 -24.96 -10.31 15.54
CA PHE B 239 -25.96 -9.92 16.53
C PHE B 239 -25.56 -10.32 17.94
N ALA B 240 -26.48 -10.15 18.89
CA ALA B 240 -26.19 -10.46 20.29
C ALA B 240 -26.62 -11.87 20.69
N SER B 241 -25.74 -12.51 21.45
CA SER B 241 -25.89 -13.86 21.95
C SER B 241 -27.17 -14.57 21.47
N GLU B 242 -28.20 -14.53 22.31
CA GLU B 242 -29.45 -15.21 22.01
C GLU B 242 -30.45 -14.24 21.41
N SER B 243 -30.38 -14.12 20.08
CA SER B 243 -31.25 -13.29 19.29
C SER B 243 -31.47 -14.00 17.96
N SER B 244 -32.61 -13.68 17.33
CA SER B 244 -32.95 -14.26 16.05
C SER B 244 -31.67 -14.25 15.21
N PRO B 245 -31.14 -15.41 14.80
CA PRO B 245 -29.88 -15.41 14.08
C PRO B 245 -30.07 -15.41 12.57
N GLU B 246 -31.25 -14.97 12.12
CA GLU B 246 -31.49 -14.94 10.69
C GLU B 246 -32.57 -13.91 10.39
N ILE B 247 -32.19 -12.64 10.34
CA ILE B 247 -33.19 -11.63 10.03
C ILE B 247 -33.74 -11.75 8.60
N PRO B 248 -35.08 -11.69 8.46
CA PRO B 248 -35.75 -11.63 7.15
C PRO B 248 -35.68 -10.31 6.36
N ILE B 249 -35.63 -10.41 5.02
CA ILE B 249 -35.61 -9.27 4.13
C ILE B 249 -36.62 -9.53 3.03
N THR B 250 -37.59 -8.61 2.87
CA THR B 250 -38.64 -8.86 1.90
C THR B 250 -38.46 -7.91 0.71
N LEU B 251 -38.92 -8.28 -0.49
CA LEU B 251 -38.88 -7.35 -1.62
C LEU B 251 -40.32 -7.08 -2.02
N THR B 252 -40.63 -5.80 -2.25
CA THR B 252 -41.98 -5.43 -2.59
C THR B 252 -41.97 -4.72 -3.94
N ILE B 253 -41.99 -5.51 -5.02
CA ILE B 253 -41.88 -4.97 -6.36
C ILE B 253 -43.25 -4.60 -6.91
N ALA B 254 -43.44 -3.29 -7.17
CA ALA B 254 -44.68 -2.76 -7.74
C ALA B 254 -44.38 -2.21 -9.14
N PRO B 255 -44.93 -2.83 -10.21
CA PRO B 255 -44.68 -2.35 -11.57
C PRO B 255 -45.39 -1.03 -11.72
N MET B 256 -44.72 -0.06 -12.36
CA MET B 256 -45.34 1.24 -12.52
C MET B 256 -45.46 1.57 -14.00
N CYS B 257 -46.43 2.45 -14.27
CA CYS B 257 -46.76 2.96 -15.58
C CYS B 257 -46.42 1.96 -16.68
N CYS B 258 -46.96 0.74 -16.55
CA CYS B 258 -46.71 -0.32 -17.53
C CYS B 258 -47.70 -0.25 -18.70
N GLU B 259 -47.34 -0.87 -19.85
CA GLU B 259 -48.19 -0.84 -21.04
C GLU B 259 -47.91 -2.01 -22.00
N PHE B 260 -48.79 -2.27 -22.96
CA PHE B 260 -48.52 -3.41 -23.83
C PHE B 260 -48.76 -3.13 -25.30
N ASN B 261 -48.36 -4.10 -26.14
CA ASN B 261 -48.49 -4.00 -27.58
C ASN B 261 -49.98 -4.03 -27.89
N GLY B 262 -50.29 -4.30 -29.17
CA GLY B 262 -51.68 -4.37 -29.59
C GLY B 262 -52.07 -5.56 -30.49
N LEU B 263 -53.31 -6.02 -30.30
CA LEU B 263 -53.91 -7.09 -31.08
C LEU B 263 -54.95 -6.40 -31.98
N ARG B 264 -55.42 -5.23 -31.54
CA ARG B 264 -56.41 -4.45 -32.26
C ARG B 264 -56.01 -4.21 -33.70
N ASN B 265 -56.77 -4.74 -34.66
CA ASN B 265 -56.49 -4.47 -36.05
C ASN B 265 -57.43 -3.34 -36.46
N ILE B 266 -57.71 -3.19 -37.76
CA ILE B 266 -58.62 -2.15 -38.24
C ILE B 266 -59.36 -2.61 -39.48
N THR B 267 -60.61 -2.16 -39.58
CA THR B 267 -61.46 -2.51 -40.70
C THR B 267 -61.84 -1.22 -41.41
N LEU B 268 -62.46 -1.34 -42.60
CA LEU B 268 -62.88 -0.17 -43.34
C LEU B 268 -63.95 -0.57 -44.36
N PRO B 269 -64.97 0.28 -44.59
CA PRO B 269 -66.04 -0.05 -45.54
C PRO B 269 -65.64 0.12 -47.01
N GLY C 1 -8.06 24.18 -62.75
CA GLY C 1 -8.79 25.46 -62.50
C GLY C 1 -8.08 26.25 -61.40
N LEU C 2 -8.84 26.59 -60.35
CA LEU C 2 -8.25 27.31 -59.25
C LEU C 2 -6.86 26.75 -58.94
N PRO C 3 -5.77 27.57 -59.05
CA PRO C 3 -4.42 27.08 -58.79
C PRO C 3 -4.18 26.84 -57.31
N VAL C 4 -3.58 25.69 -57.00
CA VAL C 4 -3.39 25.33 -55.62
C VAL C 4 -2.01 24.74 -55.46
N MET C 5 -1.57 24.68 -54.20
CA MET C 5 -0.28 24.13 -53.83
C MET C 5 -0.46 23.16 -52.67
N ASN C 6 -0.09 21.85 -52.83
CA ASN C 6 -0.26 20.89 -51.73
C ASN C 6 0.96 21.05 -50.85
N THR C 7 0.70 21.41 -49.60
CA THR C 7 1.78 21.71 -48.70
C THR C 7 2.20 20.40 -48.05
N PRO C 8 3.18 20.39 -47.12
CA PRO C 8 3.65 19.10 -46.61
C PRO C 8 2.53 18.69 -45.68
N GLY C 9 2.36 17.39 -45.44
CA GLY C 9 1.27 16.97 -44.59
C GLY C 9 0.15 16.39 -45.44
N SER C 10 0.17 16.67 -46.75
CA SER C 10 -0.85 16.08 -47.60
C SER C 10 -0.62 14.57 -47.65
N ASN C 11 -1.70 13.81 -47.88
CA ASN C 11 -1.72 12.36 -48.03
C ASN C 11 -1.03 11.60 -46.90
N GLN C 12 -1.19 12.09 -45.68
CA GLN C 12 -0.63 11.31 -44.59
C GLN C 12 -1.87 11.02 -43.76
N TYR C 13 -1.99 9.80 -43.25
CA TYR C 13 -3.12 9.56 -42.37
C TYR C 13 -2.65 9.95 -40.97
N LEU C 14 -3.40 10.82 -40.32
CA LEU C 14 -2.98 11.22 -38.99
C LEU C 14 -4.08 10.82 -38.01
N THR C 15 -3.92 9.65 -37.40
CA THR C 15 -4.94 9.15 -36.49
C THR C 15 -5.62 10.29 -35.74
N ALA C 16 -4.81 11.16 -35.15
CA ALA C 16 -5.28 12.27 -34.32
C ALA C 16 -5.96 13.40 -35.10
N ASP C 17 -6.57 13.13 -36.26
CA ASP C 17 -7.19 14.25 -36.95
C ASP C 17 -8.65 13.88 -37.20
N ASN C 18 -9.43 14.85 -37.71
CA ASN C 18 -10.81 14.60 -38.06
C ASN C 18 -11.17 15.55 -39.18
N PHE C 19 -11.67 14.95 -40.25
CA PHE C 19 -12.12 15.70 -41.41
C PHE C 19 -13.34 15.01 -41.97
N GLN C 20 -14.28 15.81 -42.47
CA GLN C 20 -15.49 15.29 -43.06
C GLN C 20 -15.14 14.17 -44.04
N SER C 21 -15.58 12.95 -43.72
CA SER C 21 -15.33 11.81 -44.59
C SER C 21 -16.58 11.49 -45.40
N PRO C 22 -16.43 11.06 -46.67
CA PRO C 22 -17.58 10.67 -47.50
C PRO C 22 -18.28 9.46 -46.85
N CYS C 23 -19.62 9.55 -46.76
CA CYS C 23 -20.44 8.54 -46.08
C CYS C 23 -20.83 7.39 -47.00
N ALA C 24 -20.81 6.17 -46.46
CA ALA C 24 -21.09 5.01 -47.29
C ALA C 24 -22.56 4.62 -47.39
N LEU C 25 -23.46 5.35 -46.73
CA LEU C 25 -24.86 4.99 -46.89
C LEU C 25 -25.68 6.27 -46.99
N PRO C 26 -25.31 7.20 -47.90
CA PRO C 26 -25.94 8.52 -47.93
C PRO C 26 -27.47 8.55 -48.07
N GLU C 27 -28.01 7.46 -48.61
CA GLU C 27 -29.45 7.39 -48.76
C GLU C 27 -30.04 6.89 -47.46
N PHE C 28 -29.37 5.89 -46.83
CA PHE C 28 -29.80 5.24 -45.60
C PHE C 28 -30.22 6.21 -44.51
N ASP C 29 -31.43 6.03 -43.94
CA ASP C 29 -31.86 6.89 -42.85
C ASP C 29 -31.56 6.17 -41.54
N VAL C 30 -30.98 6.91 -40.60
CA VAL C 30 -30.58 6.24 -39.38
C VAL C 30 -31.79 6.13 -38.45
N THR C 31 -31.79 5.10 -37.59
CA THR C 31 -32.86 4.96 -36.63
C THR C 31 -32.72 6.10 -35.64
N PRO C 32 -33.81 6.87 -35.42
CA PRO C 32 -33.76 8.01 -34.51
C PRO C 32 -33.49 7.41 -33.14
N PRO C 33 -32.70 8.12 -32.29
CA PRO C 33 -32.42 7.64 -30.92
C PRO C 33 -33.52 8.08 -29.94
N ILE C 34 -33.68 7.32 -28.84
CA ILE C 34 -34.67 7.65 -27.83
C ILE C 34 -34.01 8.28 -26.62
N ASP C 35 -34.86 8.75 -25.70
CA ASP C 35 -34.39 9.36 -24.48
C ASP C 35 -34.08 8.26 -23.47
N ILE C 36 -33.06 7.43 -23.74
CA ILE C 36 -32.70 6.42 -22.76
C ILE C 36 -32.26 7.19 -21.52
N PRO C 37 -32.71 6.80 -20.31
CA PRO C 37 -32.33 7.55 -19.09
C PRO C 37 -30.90 7.17 -18.71
N GLY C 38 -30.18 8.10 -18.08
CA GLY C 38 -28.81 7.76 -17.71
C GLY C 38 -27.78 7.93 -18.82
N GLU C 39 -27.85 9.07 -19.49
CA GLU C 39 -26.84 9.40 -20.46
C GLU C 39 -25.72 10.08 -19.69
N VAL C 40 -24.48 9.65 -19.94
CA VAL C 40 -23.27 10.19 -19.31
C VAL C 40 -22.70 11.22 -20.27
N LYS C 41 -22.23 12.38 -19.82
CA LYS C 41 -21.73 13.30 -20.83
C LYS C 41 -20.22 13.55 -20.66
N ASN C 42 -19.71 13.12 -19.52
CA ASN C 42 -18.33 13.41 -19.27
C ASN C 42 -17.79 12.35 -18.32
N MET C 43 -16.60 11.80 -18.55
CA MET C 43 -16.10 10.74 -17.67
C MET C 43 -16.10 11.12 -16.20
N MET C 44 -15.77 12.37 -15.90
CA MET C 44 -15.79 12.81 -14.51
C MET C 44 -17.06 12.35 -13.76
N GLU C 45 -18.21 12.33 -14.44
CA GLU C 45 -19.49 11.95 -13.84
C GLU C 45 -19.58 10.46 -13.56
N LEU C 46 -18.46 9.89 -13.15
CA LEU C 46 -18.35 8.50 -12.73
C LEU C 46 -17.34 8.51 -11.60
N ALA C 47 -16.37 9.42 -11.75
CA ALA C 47 -15.34 9.65 -10.77
C ALA C 47 -16.06 10.30 -9.59
N GLU C 48 -17.23 10.89 -9.89
CA GLU C 48 -18.00 11.58 -8.89
C GLU C 48 -18.83 10.61 -8.07
N ILE C 49 -18.73 9.31 -8.34
CA ILE C 49 -19.53 8.34 -7.60
C ILE C 49 -18.70 7.62 -6.53
N ASP C 50 -19.00 7.91 -5.24
CA ASP C 50 -18.31 7.29 -4.12
C ASP C 50 -18.37 5.78 -4.25
N THR C 51 -17.21 5.15 -4.27
CA THR C 51 -17.20 3.70 -4.37
C THR C 51 -16.36 3.16 -3.21
N MET C 52 -16.32 1.84 -3.05
CA MET C 52 -15.61 1.28 -1.90
C MET C 52 -14.12 1.07 -2.18
N ILE C 53 -13.32 1.35 -1.13
CA ILE C 53 -11.87 1.29 -1.12
C ILE C 53 -11.36 0.01 -0.50
N PRO C 54 -10.74 -0.90 -1.25
CA PRO C 54 -10.28 -2.15 -0.65
C PRO C 54 -9.15 -1.91 0.34
N PHE C 55 -9.50 -1.67 1.62
CA PHE C 55 -8.52 -1.36 2.66
C PHE C 55 -7.50 -2.47 2.92
N ASP C 56 -7.93 -3.73 2.77
CA ASP C 56 -7.09 -4.88 2.99
C ASP C 56 -6.85 -5.60 1.66
N LEU C 57 -5.58 -5.67 1.26
CA LEU C 57 -5.24 -6.34 0.01
C LEU C 57 -4.43 -7.60 0.30
N SER C 58 -4.56 -8.11 1.54
CA SER C 58 -3.91 -9.34 1.94
C SER C 58 -4.45 -10.48 1.08
N ALA C 59 -3.56 -11.13 0.32
CA ALA C 59 -3.89 -12.22 -0.59
C ALA C 59 -5.14 -12.97 -0.17
N THR C 60 -5.24 -13.23 1.13
CA THR C 60 -6.35 -13.94 1.73
C THR C 60 -7.66 -13.16 1.59
N LYS C 61 -7.70 -12.01 2.28
CA LYS C 61 -8.87 -11.15 2.33
C LYS C 61 -9.27 -10.58 0.97
N LYS C 62 -8.31 -10.44 0.05
CA LYS C 62 -8.62 -9.83 -1.26
C LYS C 62 -9.41 -10.79 -2.14
N ASN C 63 -10.11 -10.20 -3.13
CA ASN C 63 -10.87 -10.98 -4.10
C ASN C 63 -12.04 -11.64 -3.39
N THR C 64 -12.69 -10.87 -2.52
CA THR C 64 -13.86 -11.25 -1.73
C THR C 64 -14.24 -10.06 -0.86
N MET C 65 -15.50 -10.00 -0.47
CA MET C 65 -16.05 -8.90 0.30
C MET C 65 -15.07 -8.45 1.38
N GLU C 66 -14.34 -9.42 1.93
CA GLU C 66 -13.45 -9.16 3.04
C GLU C 66 -12.43 -8.06 2.77
N MET C 67 -12.18 -7.72 1.51
CA MET C 67 -11.17 -6.72 1.29
C MET C 67 -11.73 -5.32 1.47
N TYR C 68 -12.91 -5.19 2.08
CA TYR C 68 -13.43 -3.84 2.20
C TYR C 68 -13.79 -3.35 3.61
N ARG C 69 -13.77 -4.22 4.62
CA ARG C 69 -14.19 -3.76 5.93
C ARG C 69 -12.96 -3.67 6.79
N VAL C 70 -13.08 -2.95 7.90
CA VAL C 70 -11.98 -2.80 8.83
C VAL C 70 -12.48 -3.38 10.17
N ARG C 71 -11.80 -4.41 10.71
CA ARG C 71 -12.28 -5.07 11.92
C ARG C 71 -12.16 -4.19 13.17
N LEU C 72 -12.90 -3.07 13.25
CA LEU C 72 -12.86 -2.33 14.51
C LEU C 72 -13.09 -3.37 15.58
N SER C 73 -12.18 -3.46 16.54
CA SER C 73 -12.30 -4.47 17.58
C SER C 73 -12.28 -3.82 18.97
N ASP C 74 -12.03 -4.68 19.96
CA ASP C 74 -11.94 -4.25 21.35
C ASP C 74 -10.85 -5.09 22.03
N LYS C 75 -9.76 -5.30 21.28
CA LYS C 75 -8.58 -6.03 21.71
C LYS C 75 -7.63 -5.03 22.36
N PRO C 76 -6.41 -5.42 22.81
CA PRO C 76 -5.46 -4.48 23.40
C PRO C 76 -5.48 -3.14 22.65
N HIS C 77 -5.81 -2.09 23.39
CA HIS C 77 -5.98 -0.74 22.88
C HIS C 77 -4.62 -0.14 22.50
N THR C 78 -4.13 -0.52 21.31
CA THR C 78 -2.85 -0.06 20.79
C THR C 78 -2.98 1.43 20.43
N ASP C 79 -1.87 2.04 20.00
CA ASP C 79 -1.85 3.47 19.71
C ASP C 79 -1.47 3.80 18.27
N ASP C 80 -1.53 2.83 17.35
CA ASP C 80 -1.21 3.12 15.96
C ASP C 80 -2.50 3.55 15.26
N PRO C 81 -2.47 3.87 13.97
CA PRO C 81 -3.73 4.16 13.28
C PRO C 81 -4.50 2.86 13.04
N ILE C 82 -5.84 2.97 13.02
CA ILE C 82 -6.80 1.90 12.77
C ILE C 82 -6.65 1.44 11.33
N LEU C 83 -6.40 2.43 10.48
CA LEU C 83 -6.14 2.22 9.08
C LEU C 83 -5.62 3.53 8.53
N CYS C 84 -4.32 3.49 8.20
CA CYS C 84 -3.70 4.64 7.55
C CYS C 84 -4.06 4.48 6.06
N LEU C 85 -3.92 5.53 5.26
CA LEU C 85 -4.28 5.41 3.85
C LEU C 85 -3.67 6.54 3.05
N SER C 86 -2.67 6.21 2.22
CA SER C 86 -2.04 7.24 1.42
C SER C 86 -2.96 7.65 0.26
N LEU C 87 -3.05 8.95 0.04
CA LEU C 87 -3.92 9.47 -1.00
C LEU C 87 -3.23 9.63 -2.33
N SER C 88 -2.52 8.60 -2.76
CA SER C 88 -2.00 8.65 -4.12
C SER C 88 -3.05 7.86 -4.90
N PRO C 89 -4.09 8.53 -5.47
CA PRO C 89 -5.21 7.84 -6.10
C PRO C 89 -4.76 6.76 -7.07
N ALA C 90 -3.53 6.95 -7.60
CA ALA C 90 -2.95 6.03 -8.55
C ALA C 90 -1.71 5.28 -8.00
N SER C 91 -0.84 5.97 -7.25
CA SER C 91 0.38 5.38 -6.72
C SER C 91 0.15 4.43 -5.54
N ASP C 92 -1.12 4.08 -5.24
CA ASP C 92 -1.34 3.20 -4.11
C ASP C 92 -2.32 2.09 -4.49
N PRO C 93 -1.92 0.81 -4.38
CA PRO C 93 -2.78 -0.31 -4.74
C PRO C 93 -4.18 -0.21 -4.14
N ARG C 94 -4.25 0.16 -2.85
CA ARG C 94 -5.55 0.27 -2.21
C ARG C 94 -6.43 1.20 -3.02
N LEU C 95 -6.00 2.46 -3.17
CA LEU C 95 -6.84 3.36 -3.94
C LEU C 95 -6.86 3.08 -5.44
N SER C 96 -5.84 2.42 -5.97
CA SER C 96 -5.82 2.20 -7.40
C SER C 96 -7.07 1.48 -7.90
N HIS C 97 -7.49 0.41 -7.23
CA HIS C 97 -8.59 -0.36 -7.79
C HIS C 97 -9.98 0.30 -7.78
N THR C 98 -10.11 1.52 -7.22
CA THR C 98 -11.42 2.15 -7.13
C THR C 98 -11.86 2.70 -8.48
N MET C 99 -13.14 3.06 -8.60
CA MET C 99 -13.71 3.58 -9.82
C MET C 99 -12.97 4.86 -10.15
N LEU C 100 -12.95 5.76 -9.18
CA LEU C 100 -12.20 6.99 -9.36
C LEU C 100 -10.90 6.57 -10.05
N GLY C 101 -10.07 5.81 -9.35
CA GLY C 101 -8.81 5.32 -9.91
C GLY C 101 -8.89 4.76 -11.34
N GLU C 102 -9.96 4.02 -11.64
CA GLU C 102 -10.17 3.44 -12.95
C GLU C 102 -10.19 4.56 -13.99
N ILE C 103 -10.89 5.65 -13.74
CA ILE C 103 -10.86 6.74 -14.70
C ILE C 103 -9.51 7.46 -14.69
N LEU C 104 -8.95 7.63 -13.49
CA LEU C 104 -7.63 8.22 -13.39
C LEU C 104 -6.69 7.39 -14.25
N ASN C 105 -6.75 6.07 -14.17
CA ASN C 105 -5.87 5.28 -15.03
C ASN C 105 -5.87 5.75 -16.48
N TYR C 106 -6.98 6.30 -17.00
CA TYR C 106 -6.89 6.73 -18.38
C TYR C 106 -6.42 8.16 -18.54
N TYR C 107 -5.61 8.69 -17.64
CA TYR C 107 -5.10 10.05 -17.81
C TYR C 107 -3.76 10.26 -17.12
N THR C 108 -3.06 11.32 -17.51
CA THR C 108 -1.75 11.52 -16.90
C THR C 108 -1.84 12.57 -15.81
N HIS C 109 -2.47 13.68 -16.14
CA HIS C 109 -2.58 14.64 -15.07
C HIS C 109 -4.03 14.71 -14.66
N TRP C 110 -4.24 14.80 -13.36
CA TRP C 110 -5.58 15.06 -12.88
C TRP C 110 -5.37 15.89 -11.66
N ALA C 111 -6.35 16.70 -11.31
CA ALA C 111 -6.07 17.54 -10.17
C ALA C 111 -7.38 18.13 -9.63
N GLY C 112 -7.74 17.62 -8.46
CA GLY C 112 -8.96 18.05 -7.82
C GLY C 112 -8.90 17.73 -6.33
N SER C 113 -10.08 17.51 -5.76
CA SER C 113 -10.23 17.23 -4.35
C SER C 113 -10.89 15.88 -4.22
N LEU C 114 -10.27 15.01 -3.42
CA LEU C 114 -10.92 13.76 -3.13
C LEU C 114 -11.81 13.97 -1.92
N LYS C 115 -13.01 13.40 -1.92
CA LYS C 115 -13.82 13.42 -0.71
C LYS C 115 -13.96 11.96 -0.24
N PHE C 116 -13.68 11.71 1.04
CA PHE C 116 -13.84 10.38 1.57
C PHE C 116 -15.08 10.29 2.45
N THR C 117 -15.39 9.05 2.84
CA THR C 117 -16.52 8.76 3.71
C THR C 117 -16.16 7.51 4.51
N PHE C 118 -16.67 7.47 5.73
CA PHE C 118 -16.47 6.29 6.53
C PHE C 118 -17.80 5.95 7.18
N LEU C 119 -18.51 5.05 6.55
CA LEU C 119 -19.77 4.62 7.08
C LEU C 119 -19.51 3.50 8.07
N PHE C 120 -19.81 3.77 9.34
CA PHE C 120 -19.71 2.77 10.38
C PHE C 120 -20.92 1.87 10.21
N CYS C 121 -20.73 0.58 10.45
CA CYS C 121 -21.80 -0.37 10.24
C CYS C 121 -21.66 -1.49 11.24
N GLY C 122 -21.77 -1.06 12.51
CA GLY C 122 -21.72 -1.89 13.70
C GLY C 122 -23.04 -1.72 14.44
N SER C 123 -23.13 -2.25 15.66
CA SER C 123 -24.37 -2.19 16.42
C SER C 123 -25.01 -0.79 16.51
N MET C 124 -26.33 -0.82 16.65
CA MET C 124 -27.13 0.39 16.77
C MET C 124 -26.92 0.92 18.18
N MET C 125 -26.50 0.01 19.07
CA MET C 125 -26.31 0.33 20.47
C MET C 125 -24.84 0.60 20.74
N ALA C 126 -23.99 0.16 19.82
CA ALA C 126 -22.57 0.41 20.03
C ALA C 126 -22.30 1.91 20.02
N THR C 127 -21.15 2.32 20.57
CA THR C 127 -20.83 3.73 20.69
C THR C 127 -19.35 3.90 21.01
N GLY C 128 -18.78 5.00 20.49
CA GLY C 128 -17.38 5.34 20.72
C GLY C 128 -17.06 6.61 19.95
N LYS C 129 -15.76 6.94 19.83
CA LYS C 129 -15.31 8.10 19.06
C LYS C 129 -13.99 7.72 18.39
N LEU C 130 -13.87 7.98 17.09
CA LEU C 130 -12.65 7.68 16.35
C LEU C 130 -12.11 9.01 15.85
N LEU C 131 -10.78 9.15 15.79
CA LEU C 131 -10.24 10.40 15.27
C LEU C 131 -9.73 10.18 13.84
N VAL C 132 -10.31 10.89 12.87
CA VAL C 132 -9.82 10.76 11.50
C VAL C 132 -9.02 12.00 11.13
N SER C 133 -7.77 11.78 10.70
CA SER C 133 -6.80 12.85 10.49
C SER C 133 -6.19 12.96 9.11
N TYR C 134 -6.20 14.19 8.61
CA TYR C 134 -5.58 14.39 7.33
C TYR C 134 -4.12 14.87 7.37
N ALA C 135 -3.16 13.92 7.27
CA ALA C 135 -1.77 14.33 7.21
C ALA C 135 -1.52 14.92 5.82
N PRO C 136 -1.20 16.22 5.68
CA PRO C 136 -1.02 16.81 4.35
C PRO C 136 0.29 16.28 3.81
N PRO C 137 0.48 16.36 2.48
CA PRO C 137 1.67 15.80 1.83
C PRO C 137 2.97 16.50 2.21
N GLY C 138 4.07 15.79 1.97
CA GLY C 138 5.40 16.27 2.31
C GLY C 138 5.76 15.73 3.69
N ALA C 139 4.80 15.83 4.61
CA ALA C 139 4.98 15.37 5.98
C ALA C 139 5.01 13.84 6.03
N ASP C 140 4.85 13.31 7.24
CA ASP C 140 4.84 11.88 7.45
C ASP C 140 3.53 11.47 8.11
N PRO C 141 2.92 10.31 7.77
CA PRO C 141 1.66 9.91 8.38
C PRO C 141 1.85 9.87 9.89
N PRO C 142 0.89 10.36 10.69
CA PRO C 142 1.02 10.32 12.14
C PRO C 142 0.90 8.89 12.68
N LYS C 143 1.70 8.59 13.73
CA LYS C 143 1.76 7.26 14.30
C LYS C 143 1.15 7.15 15.70
N LYS C 144 0.88 8.30 16.34
CA LYS C 144 0.25 8.32 17.64
C LYS C 144 -1.02 9.14 17.46
N ARG C 145 -2.03 8.83 18.29
CA ARG C 145 -3.27 9.57 18.23
C ARG C 145 -2.97 11.02 18.51
N LYS C 146 -2.11 11.28 19.51
CA LYS C 146 -1.76 12.63 19.92
C LYS C 146 -1.31 13.50 18.75
N GLU C 147 -0.27 13.04 18.04
CA GLU C 147 0.24 13.76 16.89
C GLU C 147 -0.89 14.08 15.90
N ALA C 148 -1.79 13.12 15.70
CA ALA C 148 -2.89 13.27 14.77
C ALA C 148 -3.92 14.29 15.24
N MET C 149 -4.13 14.39 16.55
CA MET C 149 -5.06 15.37 17.05
C MET C 149 -4.46 16.75 16.84
N LEU C 150 -3.13 16.86 16.83
CA LEU C 150 -2.54 18.17 16.59
C LEU C 150 -2.82 18.61 15.16
N GLY C 151 -2.76 17.64 14.23
CA GLY C 151 -3.10 17.92 12.84
C GLY C 151 -4.62 18.16 12.61
N THR C 152 -5.00 18.23 11.32
CA THR C 152 -6.40 18.43 11.06
C THR C 152 -7.06 17.09 11.29
N HIS C 153 -8.30 17.07 11.74
CA HIS C 153 -8.87 15.78 12.09
C HIS C 153 -10.27 15.93 12.61
N VAL C 154 -11.12 15.03 12.17
CA VAL C 154 -12.45 15.10 12.76
C VAL C 154 -12.42 14.15 13.94
N ILE C 155 -13.23 14.46 14.98
CA ILE C 155 -13.49 13.57 16.11
C ILE C 155 -14.92 13.10 15.88
N TRP C 156 -15.02 11.95 15.24
CA TRP C 156 -16.29 11.41 14.84
C TRP C 156 -16.86 10.40 15.82
N ASP C 157 -17.99 10.83 16.40
CA ASP C 157 -18.68 10.03 17.37
C ASP C 157 -19.54 8.98 16.69
N ILE C 158 -19.14 7.73 16.86
CA ILE C 158 -19.84 6.57 16.35
C ILE C 158 -21.30 6.75 16.69
N GLY C 159 -21.57 6.77 18.00
CA GLY C 159 -22.91 6.87 18.55
C GLY C 159 -23.82 7.97 17.97
N LEU C 160 -23.27 9.12 17.55
CA LEU C 160 -24.14 10.20 17.09
C LEU C 160 -24.39 10.15 15.59
N GLN C 161 -23.34 9.90 14.78
CA GLN C 161 -23.59 9.84 13.35
C GLN C 161 -22.78 8.71 12.73
N SER C 162 -23.54 7.77 12.17
CA SER C 162 -23.08 6.54 11.57
C SER C 162 -22.07 6.75 10.44
N SER C 163 -21.70 8.01 10.15
CA SER C 163 -20.78 8.17 9.04
C SER C 163 -20.05 9.51 9.06
N CYS C 164 -18.73 9.42 9.10
CA CYS C 164 -17.96 10.63 9.02
C CYS C 164 -17.60 10.86 7.55
N THR C 165 -18.05 11.97 6.96
CA THR C 165 -17.59 12.25 5.60
C THR C 165 -16.53 13.35 5.72
N MET C 166 -15.76 13.65 4.68
CA MET C 166 -14.73 14.67 4.79
C MET C 166 -13.94 14.85 3.51
N VAL C 167 -14.09 15.99 2.82
CA VAL C 167 -13.36 16.26 1.58
C VAL C 167 -11.92 16.68 1.81
N VAL C 168 -10.96 15.84 1.41
CA VAL C 168 -9.57 16.23 1.52
C VAL C 168 -9.35 17.30 0.45
N PRO C 169 -8.48 18.31 0.65
CA PRO C 169 -8.32 19.38 -0.34
C PRO C 169 -7.28 19.10 -1.40
N TRP C 170 -7.40 19.88 -2.47
CA TRP C 170 -6.51 19.84 -3.60
C TRP C 170 -5.28 20.67 -3.33
N ILE C 171 -4.11 20.11 -3.67
CA ILE C 171 -2.84 20.78 -3.57
C ILE C 171 -1.92 20.16 -4.62
N SER C 172 -0.91 20.95 -4.99
CA SER C 172 0.20 20.58 -5.87
C SER C 172 0.86 21.82 -6.45
N ASN C 173 2.19 21.80 -6.35
CA ASN C 173 3.03 22.85 -6.86
C ASN C 173 2.80 22.83 -8.36
N THR C 174 3.16 21.67 -8.90
CA THR C 174 2.99 21.27 -10.28
C THR C 174 1.47 21.12 -10.37
N THR C 175 0.75 22.24 -10.64
CA THR C 175 -0.71 22.32 -10.57
C THR C 175 -1.49 21.36 -11.49
N TYR C 176 -1.13 20.06 -11.38
CA TYR C 176 -1.65 18.84 -12.01
C TYR C 176 -0.86 17.67 -11.41
N ARG C 177 -1.50 16.88 -10.55
CA ARG C 177 -0.80 15.77 -9.95
C ARG C 177 -0.51 14.68 -10.99
N GLN C 178 0.71 14.12 -10.91
CA GLN C 178 1.10 13.04 -11.79
C GLN C 178 0.72 11.73 -11.10
N THR C 179 0.05 10.85 -11.85
CA THR C 179 -0.45 9.58 -11.34
C THR C 179 0.67 8.63 -10.93
N ILE C 180 1.85 8.76 -11.56
CA ILE C 180 2.98 7.88 -11.34
C ILE C 180 3.88 8.36 -10.19
N ASP C 181 4.83 7.49 -9.83
CA ASP C 181 5.84 7.71 -8.82
C ASP C 181 6.80 8.79 -9.33
N THR C 185 7.40 11.77 -4.82
CA THR C 185 6.24 10.85 -4.74
C THR C 185 5.45 11.16 -3.47
N GLU C 186 4.48 12.09 -3.58
CA GLU C 186 3.67 12.51 -2.45
C GLU C 186 2.17 12.45 -2.74
N GLY C 187 1.40 12.96 -1.78
CA GLY C 187 -0.04 12.99 -1.89
C GLY C 187 -0.76 13.12 -0.54
N GLY C 188 -0.06 12.85 0.56
CA GLY C 188 -0.71 12.95 1.86
C GLY C 188 -1.19 11.60 2.38
N TYR C 189 -1.98 11.61 3.46
CA TYR C 189 -2.49 10.40 4.10
C TYR C 189 -3.77 10.73 4.85
N ILE C 190 -4.43 9.69 5.37
CA ILE C 190 -5.71 9.75 6.06
C ILE C 190 -5.63 8.60 7.04
N SER C 191 -5.65 8.93 8.30
CA SER C 191 -5.64 7.83 9.26
C SER C 191 -6.85 7.88 10.17
N VAL C 192 -7.09 6.74 10.80
CA VAL C 192 -8.19 6.70 11.72
C VAL C 192 -7.62 6.15 13.04
N PHE C 193 -7.87 6.86 14.15
CA PHE C 193 -7.34 6.47 15.44
C PHE C 193 -8.46 6.06 16.38
N TYR C 194 -8.21 4.99 17.14
CA TYR C 194 -9.25 4.78 18.12
C TYR C 194 -9.08 5.99 19.02
N GLN C 195 -10.13 6.79 19.21
CA GLN C 195 -9.98 7.86 20.18
C GLN C 195 -10.30 7.32 21.59
N THR C 196 -11.42 6.59 21.65
CA THR C 196 -11.88 5.91 22.84
C THR C 196 -12.23 4.51 22.36
N ARG C 197 -12.24 3.52 23.26
CA ARG C 197 -12.60 2.17 22.87
C ARG C 197 -14.06 2.15 22.39
N ILE C 198 -14.47 1.17 21.58
CA ILE C 198 -15.89 1.18 21.18
C ILE C 198 -16.74 0.43 22.21
N VAL C 199 -17.19 1.14 23.26
CA VAL C 199 -17.95 0.53 24.34
C VAL C 199 -19.32 0.12 23.86
N VAL C 200 -19.83 -0.98 24.43
CA VAL C 200 -21.11 -1.56 24.03
C VAL C 200 -21.89 -2.09 25.24
N PRO C 201 -23.24 -2.27 25.11
CA PRO C 201 -24.07 -2.87 26.14
C PRO C 201 -24.00 -4.37 25.80
N LEU C 202 -24.74 -5.19 26.55
CA LEU C 202 -24.84 -6.66 26.48
C LEU C 202 -24.19 -7.39 25.32
N SER C 203 -24.14 -8.73 25.45
CA SER C 203 -23.53 -9.70 24.54
C SER C 203 -23.28 -9.24 23.11
N THR C 204 -23.79 -8.06 22.71
CA THR C 204 -23.51 -7.46 21.41
C THR C 204 -22.03 -7.73 21.16
N PRO C 205 -21.64 -8.12 19.93
CA PRO C 205 -20.24 -8.54 19.70
C PRO C 205 -19.26 -7.38 19.78
N ARG C 206 -17.99 -7.66 20.10
CA ARG C 206 -17.04 -6.56 20.16
C ARG C 206 -16.33 -6.44 18.82
N GLU C 207 -17.06 -6.72 17.73
CA GLU C 207 -16.51 -6.71 16.38
C GLU C 207 -17.37 -5.88 15.42
N MET C 208 -17.16 -4.56 15.41
CA MET C 208 -17.87 -3.70 14.48
C MET C 208 -17.03 -3.69 13.21
N ASP C 209 -17.45 -2.91 12.21
CA ASP C 209 -16.72 -2.81 10.96
C ASP C 209 -16.98 -1.40 10.43
N ILE C 210 -16.15 -0.92 9.50
CA ILE C 210 -16.35 0.40 8.90
C ILE C 210 -16.03 0.35 7.42
N LEU C 211 -16.91 0.99 6.67
CA LEU C 211 -16.73 1.04 5.23
C LEU C 211 -16.18 2.40 4.83
N GLY C 212 -15.40 2.43 3.73
CA GLY C 212 -14.80 3.68 3.28
C GLY C 212 -15.11 3.95 1.83
N PHE C 213 -15.49 5.20 1.57
CA PHE C 213 -15.76 5.64 0.22
C PHE C 213 -14.77 6.69 -0.28
N VAL C 214 -14.79 6.94 -1.58
CA VAL C 214 -13.95 7.94 -2.19
C VAL C 214 -14.54 8.36 -3.54
N SER C 215 -14.37 9.63 -3.86
CA SER C 215 -14.91 10.12 -5.10
C SER C 215 -14.33 11.50 -5.35
N ALA C 216 -14.64 12.05 -6.51
CA ALA C 216 -14.13 13.34 -6.90
C ALA C 216 -15.18 14.38 -6.62
N CYS C 217 -14.70 15.60 -6.41
CA CYS C 217 -15.63 16.69 -6.21
C CYS C 217 -15.69 17.47 -7.51
N ASN C 218 -16.52 18.48 -7.59
CA ASN C 218 -16.70 19.23 -8.81
C ASN C 218 -15.39 19.81 -9.36
N ASP C 219 -14.42 20.12 -8.47
CA ASP C 219 -13.17 20.74 -8.87
C ASP C 219 -12.21 19.79 -9.58
N PHE C 220 -12.46 18.49 -9.44
CA PHE C 220 -11.61 17.49 -10.04
C PHE C 220 -11.74 17.50 -11.55
N SER C 221 -10.66 17.18 -12.24
CA SER C 221 -10.67 17.14 -13.71
C SER C 221 -9.43 16.39 -14.15
N VAL C 222 -9.41 15.97 -15.41
CA VAL C 222 -8.23 15.23 -15.84
C VAL C 222 -7.80 15.78 -17.17
N ARG C 223 -6.55 15.50 -17.55
CA ARG C 223 -6.11 15.98 -18.85
C ARG C 223 -5.00 15.10 -19.36
N LEU C 224 -4.90 15.07 -20.70
CA LEU C 224 -3.98 14.31 -21.52
C LEU C 224 -4.30 12.81 -21.34
N LEU C 225 -5.13 12.30 -22.24
CA LEU C 225 -5.56 10.93 -22.09
C LEU C 225 -4.39 10.00 -22.36
N ARG C 226 -4.41 8.86 -21.66
CA ARG C 226 -3.38 7.87 -21.91
C ARG C 226 -3.87 6.47 -21.58
N ASP C 227 -4.35 5.72 -22.57
CA ASP C 227 -4.78 4.35 -22.36
C ASP C 227 -3.51 3.51 -22.27
N THR C 228 -3.54 2.41 -21.54
CA THR C 228 -2.36 1.54 -21.45
C THR C 228 -2.75 0.08 -21.64
N THR C 229 -3.98 -0.26 -21.24
CA THR C 229 -4.53 -1.61 -21.31
C THR C 229 -4.04 -2.37 -22.54
N HIS C 230 -3.40 -3.52 -22.32
CA HIS C 230 -2.89 -4.35 -23.39
C HIS C 230 -2.93 -5.81 -22.93
N ILE C 231 -1.99 -6.62 -23.43
CA ILE C 231 -1.96 -8.02 -23.07
C ILE C 231 -0.51 -8.54 -23.23
C1 MYR D 1 -27.81 41.87 -50.43
O1 MYR D 1 -27.93 42.67 -49.48
C2 MYR D 1 -26.65 40.91 -50.47
C3 MYR D 1 -25.30 41.57 -50.56
C4 MYR D 1 -24.15 40.59 -50.35
C5 MYR D 1 -23.85 39.72 -51.55
C6 MYR D 1 -22.76 38.71 -51.32
C7 MYR D 1 -22.40 37.93 -52.56
C8 MYR D 1 -21.24 36.98 -52.39
C9 MYR D 1 -20.32 36.90 -53.58
C10 MYR D 1 -20.96 36.30 -54.82
C11 MYR D 1 -19.97 35.83 -55.86
C12 MYR D 1 -20.58 35.36 -57.15
C13 MYR D 1 -19.56 34.84 -58.14
C14 MYR D 1 -20.13 34.33 -59.44
N GLY D 2 -28.55 41.44 -51.62
CA GLY D 2 -29.68 40.56 -52.02
C GLY D 2 -29.77 39.34 -51.12
N ALA D 3 -29.79 39.62 -49.81
CA ALA D 3 -29.82 38.61 -48.78
C ALA D 3 -31.07 37.73 -48.85
N GLN D 4 -30.84 36.43 -48.62
CA GLN D 4 -31.92 35.45 -48.54
C GLN D 4 -31.92 35.03 -47.07
N VAL D 5 -32.50 35.90 -46.24
CA VAL D 5 -32.57 35.72 -44.80
C VAL D 5 -33.62 34.67 -44.48
N SER D 6 -33.26 33.71 -43.62
CA SER D 6 -34.19 32.66 -43.24
C SER D 6 -33.86 32.14 -41.83
N SER D 7 -34.93 31.92 -41.03
CA SER D 7 -34.80 31.36 -39.70
C SER D 7 -34.45 29.88 -39.87
N GLN D 8 -33.80 29.27 -38.87
CA GLN D 8 -33.22 27.96 -39.07
C GLN D 8 -33.90 26.74 -38.46
N LYS D 9 -33.61 25.60 -39.09
CA LYS D 9 -34.03 24.29 -38.61
C LYS D 9 -32.96 23.91 -37.63
N VAL D 10 -32.66 24.96 -36.90
CA VAL D 10 -31.66 25.01 -35.87
C VAL D 10 -30.67 23.86 -35.98
N GLY D 11 -29.41 24.24 -36.23
CA GLY D 11 -28.33 23.29 -36.36
C GLY D 11 -28.00 22.62 -35.03
N ALA D 12 -28.94 22.77 -34.08
CA ALA D 12 -28.83 22.24 -32.73
C ALA D 12 -27.56 22.80 -32.09
N HIS D 13 -27.32 24.10 -32.31
CA HIS D 13 -26.15 24.77 -31.76
C HIS D 13 -26.23 24.87 -30.23
N GLU D 14 -25.11 25.26 -29.63
CA GLU D 14 -24.98 25.43 -28.19
C GLU D 14 -25.51 26.79 -27.78
N ASN D 15 -26.39 26.84 -26.75
CA ASN D 15 -27.07 28.08 -26.40
C ASN D 15 -27.63 28.50 -27.72
N SER D 16 -27.09 27.73 -28.67
CA SER D 16 -27.26 27.75 -30.14
C SER D 16 -27.11 29.19 -30.58
N ASN D 17 -26.54 30.00 -29.67
CA ASN D 17 -26.45 31.43 -29.86
C ASN D 17 -27.77 31.94 -29.29
N ARG D 18 -28.77 31.04 -29.25
CA ARG D 18 -30.11 31.27 -28.71
C ARG D 18 -30.78 29.96 -28.27
N ALA D 19 -31.28 29.97 -27.03
CA ALA D 19 -31.94 28.81 -26.44
C ALA D 19 -33.20 29.25 -25.69
N TYR D 20 -33.52 28.53 -24.61
CA TYR D 20 -34.70 28.82 -23.79
C TYR D 20 -34.44 30.04 -22.92
N GLY D 21 -33.96 31.10 -23.58
CA GLY D 21 -33.69 32.40 -23.00
C GLY D 21 -34.53 33.42 -23.74
N GLY D 22 -34.80 33.11 -25.02
CA GLY D 22 -35.64 33.91 -25.88
C GLY D 22 -34.91 34.72 -26.96
N SER D 23 -35.09 34.27 -28.21
CA SER D 23 -34.58 34.87 -29.44
C SER D 23 -34.37 33.80 -30.52
N THR D 24 -34.39 34.24 -31.78
CA THR D 24 -34.26 33.38 -32.94
C THR D 24 -32.82 33.30 -33.42
N ILE D 25 -32.60 32.43 -34.42
CA ILE D 25 -31.30 32.23 -35.05
C ILE D 25 -31.55 32.28 -36.56
N ASN D 26 -30.70 33.03 -37.29
CA ASN D 26 -30.87 33.20 -38.72
C ASN D 26 -29.63 32.76 -39.51
N TYR D 27 -29.87 32.46 -40.79
CA TYR D 27 -28.84 32.07 -41.74
C TYR D 27 -29.15 32.82 -43.02
N THR D 28 -28.15 32.95 -43.91
CA THR D 28 -28.36 33.66 -45.16
C THR D 28 -27.93 32.79 -46.34
N THR D 29 -28.70 32.90 -47.43
CA THR D 29 -28.42 32.17 -48.66
C THR D 29 -28.32 33.18 -49.81
N ILE D 30 -27.33 32.94 -50.67
CA ILE D 30 -27.08 33.74 -51.86
C ILE D 30 -26.59 32.79 -52.96
N ASN D 31 -27.41 32.68 -54.00
CA ASN D 31 -27.16 31.80 -55.13
C ASN D 31 -26.15 32.51 -56.05
N TYR D 32 -24.92 31.98 -56.08
CA TYR D 32 -23.83 32.55 -56.85
C TYR D 32 -24.19 32.70 -58.33
N TYR D 33 -24.58 31.57 -58.93
CA TYR D 33 -24.84 31.44 -60.36
C TYR D 33 -26.23 31.94 -60.76
N ARG D 34 -26.30 32.39 -62.03
CA ARG D 34 -27.52 32.91 -62.63
C ARG D 34 -28.54 31.79 -62.79
N ASP D 35 -28.16 30.77 -63.57
CA ASP D 35 -29.02 29.61 -63.83
C ASP D 35 -29.53 29.09 -62.49
N SER D 36 -30.85 29.11 -62.37
CA SER D 36 -31.56 28.70 -61.17
C SER D 36 -31.25 27.27 -60.77
N ALA D 37 -31.08 26.36 -61.75
CA ALA D 37 -30.80 24.96 -61.45
C ALA D 37 -29.38 24.80 -60.87
N SER D 38 -28.63 25.91 -60.81
CA SER D 38 -27.26 25.94 -60.30
C SER D 38 -27.20 26.57 -58.91
N ASN D 39 -28.28 26.40 -58.15
CA ASN D 39 -28.37 26.96 -56.81
C ASN D 39 -28.52 25.80 -55.82
N ALA D 40 -28.14 26.03 -54.56
CA ALA D 40 -28.27 25.00 -53.54
C ALA D 40 -29.73 24.88 -53.10
N ALA D 41 -30.21 23.64 -52.95
CA ALA D 41 -31.59 23.34 -52.56
C ALA D 41 -31.99 24.08 -51.29
N SER D 42 -33.23 24.59 -51.26
CA SER D 42 -33.74 25.37 -50.15
C SER D 42 -34.89 24.70 -49.40
N LYS D 43 -35.03 23.37 -49.53
CA LYS D 43 -36.10 22.62 -48.86
C LYS D 43 -36.10 22.86 -47.35
N GLN D 44 -37.27 22.63 -46.76
CA GLN D 44 -37.66 22.81 -45.36
C GLN D 44 -38.80 23.83 -45.38
N ASP D 45 -39.21 24.16 -46.61
CA ASP D 45 -40.29 25.03 -47.02
C ASP D 45 -40.49 26.33 -46.25
N PHE D 46 -39.45 26.84 -45.57
CA PHE D 46 -39.54 28.09 -44.82
C PHE D 46 -40.93 28.21 -44.19
N SER D 47 -41.23 27.28 -43.26
CA SER D 47 -42.48 27.15 -42.52
C SER D 47 -43.58 28.13 -42.95
N GLN D 48 -44.56 27.59 -43.67
CA GLN D 48 -45.70 28.32 -44.21
C GLN D 48 -47.01 27.74 -43.67
N ASP D 49 -48.12 28.15 -44.30
CA ASP D 49 -49.44 27.67 -43.91
C ASP D 49 -49.76 26.43 -44.74
N PRO D 50 -49.94 25.25 -44.10
CA PRO D 50 -50.23 24.01 -44.82
C PRO D 50 -51.60 23.94 -45.52
N SER D 51 -52.35 25.04 -45.47
CA SER D 51 -53.67 25.15 -46.06
C SER D 51 -53.68 24.70 -47.53
N LYS D 52 -52.61 25.05 -48.27
CA LYS D 52 -52.49 24.70 -49.67
C LYS D 52 -52.70 23.21 -49.89
N PHE D 53 -52.49 22.42 -48.82
CA PHE D 53 -52.66 20.98 -48.87
C PHE D 53 -53.76 20.56 -47.89
N THR D 54 -53.88 21.29 -46.79
CA THR D 54 -54.85 21.00 -45.74
C THR D 54 -56.23 21.56 -46.07
N GLU D 55 -56.27 22.79 -46.62
CA GLU D 55 -57.55 23.42 -46.93
C GLU D 55 -57.64 23.82 -48.40
N PRO D 56 -57.47 22.90 -49.37
CA PRO D 56 -57.58 23.25 -50.79
C PRO D 56 -58.99 23.00 -51.32
N ILE D 57 -59.76 24.08 -51.49
CA ILE D 57 -61.12 24.05 -52.00
C ILE D 57 -61.39 25.31 -52.82
N LYS D 58 -62.51 25.30 -53.55
CA LYS D 58 -62.89 26.42 -54.39
C LYS D 58 -63.70 27.43 -53.57
N ASP D 59 -64.02 27.05 -52.32
CA ASP D 59 -64.76 27.90 -51.39
C ASP D 59 -63.94 28.05 -50.11
N VAL D 60 -64.59 28.54 -49.04
CA VAL D 60 -63.97 28.73 -47.74
C VAL D 60 -64.65 27.77 -46.77
N LEU D 61 -63.86 27.20 -45.85
CA LEU D 61 -64.39 26.26 -44.87
C LEU D 61 -64.18 26.78 -43.45
N ILE D 62 -65.24 26.71 -42.65
CA ILE D 62 -65.21 27.10 -41.25
C ILE D 62 -65.31 25.81 -40.44
N LYS D 63 -64.44 25.68 -39.43
CA LYS D 63 -64.39 24.50 -38.59
C LYS D 63 -65.67 24.31 -37.77
N THR D 64 -66.23 25.41 -37.29
CA THR D 64 -67.43 25.37 -36.46
C THR D 64 -68.67 25.09 -37.31
N ALA D 65 -68.61 25.41 -38.61
CA ALA D 65 -69.72 25.22 -39.52
C ALA D 65 -69.74 23.78 -40.06
N PRO D 66 -70.90 23.26 -40.51
CA PRO D 66 -70.96 21.91 -41.07
C PRO D 66 -70.16 21.81 -42.37
N MET D 67 -69.42 20.71 -42.52
CA MET D 67 -68.57 20.47 -43.68
C MET D 67 -69.42 20.45 -44.95
N LEU D 68 -70.29 19.43 -45.06
CA LEU D 68 -71.16 19.26 -46.22
C LEU D 68 -72.37 20.17 -46.06
N ASN D 69 -72.24 21.40 -46.56
CA ASN D 69 -73.32 22.37 -46.47
C ASN D 69 -74.37 22.06 -47.54
N UNK E 1 25.65 23.76 19.91
CA UNK E 1 26.29 22.53 20.45
C UNK E 1 27.01 22.85 21.77
N UNK E 2 26.27 22.70 22.88
CA UNK E 2 26.80 22.96 24.21
C UNK E 2 27.87 21.92 24.54
N UNK E 3 29.06 22.40 24.91
CA UNK E 3 30.19 21.53 25.22
C UNK E 3 30.29 21.25 26.72
N UNK E 4 31.42 20.64 27.10
CA UNK E 4 31.76 20.27 28.46
C UNK E 4 33.25 19.98 28.57
N UNK E 5 33.86 20.41 29.69
CA UNK E 5 35.27 20.22 29.96
C UNK E 5 35.44 19.78 31.41
N UNK E 6 35.34 18.46 31.63
CA UNK E 6 35.45 17.87 32.95
C UNK E 6 36.89 17.92 33.44
N UNK E 7 37.15 18.85 34.37
CA UNK E 7 38.47 19.04 34.97
C UNK E 7 38.70 18.00 36.07
N UNK E 8 39.93 17.98 36.59
CA UNK E 8 40.36 17.06 37.64
C UNK E 8 40.01 15.63 37.24
N UNK E 9 40.73 15.13 36.22
CA UNK E 9 40.54 13.78 35.68
C UNK E 9 40.84 12.73 36.73
N UNK E 10 41.97 12.90 37.45
CA UNK E 10 42.38 11.96 38.49
C UNK E 10 41.94 12.48 39.86
N UNK E 11 41.24 11.61 40.61
CA UNK E 11 40.75 11.92 41.94
C UNK E 11 40.43 10.62 42.67
N UNK E 12 41.00 10.45 43.86
CA UNK E 12 40.80 9.26 44.66
C UNK E 12 40.09 9.61 45.98
N UNK E 13 38.81 9.24 46.06
CA UNK E 13 37.99 9.50 47.24
C UNK E 13 37.72 8.18 47.97
N UNK E 14 38.30 8.05 49.16
CA UNK E 14 38.14 6.87 50.00
C UNK E 14 36.75 6.86 50.63
N UNK E 15 36.35 5.69 51.14
CA UNK E 15 35.05 5.49 51.76
C UNK E 15 34.96 6.29 53.06
N UNK E 16 33.81 6.95 53.26
CA UNK E 16 33.55 7.75 54.44
C UNK E 16 33.72 9.23 54.11
N UNK E 17 34.35 9.51 52.97
CA UNK E 17 34.59 10.88 52.52
C UNK E 17 33.56 11.29 51.48
N UNK E 18 33.75 12.47 50.89
CA UNK E 18 32.83 13.00 49.88
C UNK E 18 33.59 13.27 48.58
N UNK E 19 33.05 12.73 47.48
CA UNK E 19 33.63 12.88 46.15
C UNK E 19 32.92 14.02 45.42
N UNK E 20 33.36 14.29 44.19
CA UNK E 20 32.80 15.34 43.35
C UNK E 20 33.28 15.20 41.91
N UNK E 21 32.51 15.81 40.98
CA UNK E 21 32.80 15.81 39.55
C UNK E 21 32.22 17.09 38.95
N UNK E 22 33.07 18.12 38.88
CA UNK E 22 32.69 19.44 38.37
C UNK E 22 32.59 19.45 36.84
N CYS E 23 31.83 20.41 36.32
CA CYS E 23 31.59 20.61 34.90
C CYS E 23 31.81 22.08 34.55
N UNK E 24 32.41 22.32 33.38
CA UNK E 24 32.71 23.65 32.86
C UNK E 24 32.47 23.66 31.36
N UNK E 25 31.24 24.04 30.97
CA UNK E 25 30.83 24.09 29.58
C UNK E 25 31.12 25.47 28.98
N UNK E 26 31.55 25.47 27.70
CA UNK E 26 31.86 26.68 26.97
C UNK E 26 30.59 27.47 26.68
N UNK E 27 29.50 26.73 26.39
CA UNK E 27 28.20 27.30 26.11
C UNK E 27 27.24 26.90 27.23
N UNK E 28 26.11 27.61 27.33
CA UNK E 28 25.10 27.35 28.35
C UNK E 28 24.49 25.96 28.15
N UNK E 29 24.05 25.34 29.26
CA UNK E 29 23.46 24.01 29.23
C UNK E 29 22.01 24.04 29.72
N UNK E 30 21.29 25.10 29.33
CA UNK E 30 19.88 25.31 29.68
C UNK E 30 19.35 26.51 28.89
N UNK E 31 18.17 26.35 28.28
CA UNK E 31 17.61 27.43 27.49
C UNK E 31 16.12 27.65 27.79
N UNK E 32 15.32 26.60 27.56
CA UNK E 32 13.88 26.65 27.78
C UNK E 32 13.55 26.87 29.26
N UNK E 33 13.72 25.83 30.07
CA UNK E 33 13.42 25.92 31.50
C UNK E 33 14.49 25.20 32.33
N UNK E 34 14.51 23.87 32.24
CA UNK E 34 15.43 23.05 33.01
C UNK E 34 16.78 22.90 32.32
N UNK E 35 17.77 22.43 33.09
CA UNK E 35 19.14 22.22 32.64
C UNK E 35 19.23 20.96 31.77
N UNK E 36 20.30 20.88 30.98
CA UNK E 36 20.56 19.78 30.08
C UNK E 36 21.76 18.97 30.58
N UNK E 37 22.40 19.47 31.64
CA UNK E 37 23.55 18.81 32.25
C UNK E 37 23.06 17.59 33.03
N UNK E 38 24.01 16.85 33.63
CA UNK E 38 23.69 15.66 34.40
C UNK E 38 24.91 15.21 35.21
N UNK E 39 24.72 14.14 35.99
CA UNK E 39 25.77 13.54 36.80
C UNK E 39 25.76 12.04 36.56
N UNK E 40 26.86 11.53 35.98
CA UNK E 40 26.98 10.12 35.66
C UNK E 40 28.00 9.44 36.58
N UNK E 41 27.99 8.11 36.55
CA UNK E 41 28.90 7.27 37.32
C UNK E 41 29.02 5.92 36.62
N UNK E 42 29.86 5.87 35.58
CA UNK E 42 30.06 4.67 34.79
C UNK E 42 31.39 4.00 35.14
N UNK E 43 31.30 2.68 35.40
CA UNK E 43 32.45 1.87 35.75
C UNK E 43 33.13 1.39 34.46
N UNK E 44 34.28 0.71 34.63
CA UNK E 44 35.05 0.19 33.51
C UNK E 44 34.37 -1.03 32.91
N UNK E 45 34.26 -1.04 31.57
CA UNK E 45 33.65 -2.12 30.83
C UNK E 45 32.15 -2.17 31.09
N UNK E 46 31.45 -1.11 30.68
CA UNK E 46 30.01 -0.99 30.85
C UNK E 46 29.41 -0.14 29.73
N UNK E 47 28.08 -0.09 29.67
CA UNK E 47 27.35 0.67 28.66
C UNK E 47 26.86 2.00 29.24
N UNK E 48 26.14 2.76 28.40
CA UNK E 48 25.59 4.06 28.77
C UNK E 48 24.46 3.88 29.79
N UNK E 49 24.85 3.85 31.07
CA UNK E 49 23.92 3.67 32.18
C UNK E 49 23.16 4.95 32.49
N UNK E 50 22.10 4.82 33.30
CA UNK E 50 21.25 5.92 33.71
C UNK E 50 21.49 6.21 35.19
N UNK E 51 22.06 7.38 35.47
CA UNK E 51 22.35 7.82 36.83
C UNK E 51 21.53 9.07 37.14
N UNK E 52 21.67 10.08 36.27
CA UNK E 52 20.95 11.34 36.42
C UNK E 52 20.71 11.96 35.03
N UNK E 53 19.75 12.87 34.98
CA UNK E 53 19.37 13.60 33.77
C UNK E 53 18.66 14.89 34.16
N UNK E 54 18.91 15.95 33.39
CA UNK E 54 18.34 17.28 33.59
C UNK E 54 19.08 18.06 34.68
N UNK E 55 20.12 17.45 35.25
CA UNK E 55 21.00 18.03 36.26
C UNK E 55 20.32 18.18 37.63
N UNK E 56 19.00 17.97 37.70
CA UNK E 56 18.29 18.10 38.97
C UNK E 56 17.68 16.77 39.38
N UNK E 57 16.83 16.22 38.49
CA UNK E 57 16.16 14.95 38.72
C UNK E 57 17.16 13.79 38.59
N UNK E 58 16.77 12.63 39.13
CA UNK E 58 17.59 11.43 39.10
C UNK E 58 16.97 10.40 38.15
N UNK E 59 17.83 9.60 37.52
CA UNK E 59 17.41 8.57 36.58
C UNK E 59 17.20 7.24 37.32
N UNK E 60 16.66 6.25 36.58
CA UNK E 60 16.38 4.92 37.11
C UNK E 60 17.67 4.15 37.40
N UNK E 61 17.64 3.37 38.47
CA UNK E 61 18.77 2.56 38.90
C UNK E 61 19.78 3.40 39.67
N UNK E 62 19.28 4.20 40.61
CA UNK E 62 20.11 5.08 41.42
C UNK E 62 19.47 5.29 42.79
N UNK E 63 20.22 5.90 43.71
CA UNK E 63 19.78 6.18 45.07
C UNK E 63 19.33 7.64 45.20
N UNK E 64 18.94 8.02 46.42
CA UNK E 64 18.47 9.37 46.70
C UNK E 64 19.61 10.29 47.13
N UNK E 65 20.74 9.69 47.54
CA UNK E 65 21.91 10.41 47.99
C UNK E 65 22.44 11.34 46.90
N UNK E 66 22.52 10.83 45.67
CA UNK E 66 23.01 11.58 44.53
C UNK E 66 22.08 12.76 44.25
N UNK E 67 22.53 13.96 44.66
CA UNK E 67 21.75 15.18 44.49
C UNK E 67 22.00 15.79 43.11
N UNK E 68 21.45 16.99 42.90
CA UNK E 68 21.58 17.70 41.64
C UNK E 68 22.00 19.15 41.86
N UNK E 69 22.52 19.76 40.78
CA UNK E 69 22.98 21.15 40.77
C UNK E 69 23.35 21.53 39.33
N UNK E 70 23.81 22.78 39.18
CA UNK E 70 24.25 23.31 37.90
C UNK E 70 23.05 23.60 36.99
N UNK E 71 22.43 24.77 37.21
CA UNK E 71 21.29 25.21 36.42
C UNK E 71 21.80 26.05 35.25
N UNK E 72 23.08 25.88 34.93
CA UNK E 72 23.75 26.58 33.84
C UNK E 72 24.87 25.71 33.29
N UNK E 73 25.89 26.36 32.73
CA UNK E 73 27.05 25.69 32.15
C UNK E 73 27.89 25.08 33.27
N UNK E 74 28.07 25.85 34.35
CA UNK E 74 28.83 25.43 35.51
C UNK E 74 28.00 24.47 36.35
N UNK E 75 28.23 23.16 36.13
CA UNK E 75 27.51 22.11 36.83
C UNK E 75 28.49 21.24 37.61
N UNK E 76 27.95 20.21 38.29
CA UNK E 76 28.73 19.28 39.08
C UNK E 76 27.89 18.08 39.49
N UNK E 77 28.53 17.12 40.19
CA UNK E 77 27.88 15.91 40.67
C UNK E 77 27.74 15.99 42.19
N UNK E 78 27.09 14.98 42.78
CA UNK E 78 26.88 14.94 44.22
C UNK E 78 26.87 13.49 44.72
N UNK E 79 27.52 13.28 45.87
CA UNK E 79 27.63 11.98 46.53
C UNK E 79 27.87 12.21 48.02
N UNK E 80 26.96 11.69 48.85
CA UNK E 80 27.05 11.84 50.30
C UNK E 80 27.37 10.52 50.99
N UNK E 81 27.75 9.51 50.21
CA UNK E 81 28.10 8.19 50.73
C UNK E 81 29.05 7.49 49.77
N UNK E 82 30.35 7.45 50.15
CA UNK E 82 31.38 6.83 49.35
C UNK E 82 31.60 5.39 49.80
N UNK E 83 31.96 4.53 48.84
CA UNK E 83 32.21 3.12 49.09
C UNK E 83 33.15 2.55 48.02
N UNK E 84 33.16 1.21 47.91
CA UNK E 84 33.99 0.51 46.94
C UNK E 84 33.30 0.49 45.57
N UNK E 85 31.97 0.62 45.57
CA UNK E 85 31.18 0.60 44.34
C UNK E 85 31.08 2.01 43.75
N UNK E 86 31.60 3.01 44.48
CA UNK E 86 31.56 4.41 44.06
C UNK E 86 32.61 4.69 42.98
N UNK E 87 33.51 3.73 42.77
CA UNK E 87 34.58 3.85 41.77
C UNK E 87 33.98 3.77 40.37
N UNK E 88 33.61 4.93 39.82
CA UNK E 88 33.03 5.05 38.50
C UNK E 88 33.33 6.44 37.93
N UNK E 89 33.72 6.46 36.65
CA UNK E 89 34.06 7.68 35.94
C UNK E 89 32.80 8.54 35.75
N UNK E 90 32.91 9.82 36.13
CA UNK E 90 31.82 10.78 36.03
C UNK E 90 32.09 11.75 34.89
N UNK E 91 31.04 12.01 34.08
CA UNK E 91 31.14 12.92 32.95
C UNK E 91 29.79 13.61 32.72
N CYS E 92 29.76 14.93 32.95
CA CYS E 92 28.57 15.73 32.79
C CYS E 92 28.33 16.05 31.32
N UNK E 93 27.07 15.92 30.88
CA UNK E 93 26.66 16.17 29.52
C UNK E 93 26.05 17.57 29.40
N UNK E 94 25.47 17.86 28.23
CA UNK E 94 24.84 19.13 27.94
C UNK E 94 23.64 18.92 27.02
N UNK E 95 22.85 17.87 27.33
CA UNK E 95 21.67 17.51 26.58
C UNK E 95 20.69 16.75 27.47
N UNK E 96 19.39 17.05 27.32
CA UNK E 96 18.36 16.42 28.11
C UNK E 96 17.77 15.21 27.38
N UNK E 97 17.25 15.44 26.15
CA UNK E 97 16.65 14.36 25.38
C UNK E 97 16.93 14.49 23.88
N UNK E 98 17.13 15.73 23.40
CA UNK E 98 17.38 16.01 21.99
C UNK E 98 18.63 15.29 21.49
N UNK E 99 18.64 14.97 20.18
CA UNK E 99 19.73 14.27 19.52
C UNK E 99 20.81 15.24 19.05
N UNK E 100 21.55 15.81 20.01
CA UNK E 100 22.63 16.74 19.80
C UNK E 100 23.51 16.71 21.05
N UNK E 101 24.36 15.68 21.15
CA UNK E 101 25.22 15.48 22.31
C UNK E 101 26.69 15.65 21.97
N UNK E 102 27.44 16.13 22.97
CA UNK E 102 28.87 16.37 22.92
C UNK E 102 29.39 16.57 24.34
N UNK E 103 29.77 15.46 24.99
CA UNK E 103 30.25 15.47 26.37
C UNK E 103 31.77 15.52 26.42
N UNK E 104 32.29 15.86 27.60
CA UNK E 104 33.72 15.98 27.86
C UNK E 104 34.38 14.62 28.01
N UNK E 105 35.71 14.64 28.18
CA UNK E 105 36.55 13.46 28.33
C UNK E 105 36.09 12.63 29.52
N UNK E 106 36.34 13.14 30.73
CA UNK E 106 35.93 12.43 31.94
C UNK E 106 36.62 12.99 33.19
N UNK E 107 35.93 12.81 34.32
CA UNK E 107 36.37 13.22 35.65
C UNK E 107 36.11 12.05 36.60
N UNK E 108 37.06 11.11 36.63
CA UNK E 108 36.97 9.90 37.43
C UNK E 108 37.14 10.17 38.93
N UNK E 109 36.50 9.31 39.72
CA UNK E 109 36.51 9.35 41.18
C UNK E 109 36.81 7.96 41.71
N UNK E 110 38.09 7.71 42.00
CA UNK E 110 38.59 6.44 42.51
C UNK E 110 38.30 6.31 44.01
N UNK E 111 38.38 5.07 44.51
CA UNK E 111 38.13 4.77 45.91
C UNK E 111 39.38 4.18 46.56
N UNK E 112 39.43 4.22 47.90
CA UNK E 112 40.55 3.70 48.66
C UNK E 112 40.07 3.21 50.03
N UNK E 113 40.93 2.41 50.68
CA UNK E 113 40.66 1.85 52.01
C UNK E 113 41.98 1.64 52.74
N UNK E 114 41.91 0.97 53.90
CA UNK E 114 43.09 0.68 54.70
C UNK E 114 44.01 -0.26 53.93
N UNK E 115 45.32 0.07 53.92
CA UNK E 115 46.33 -0.69 53.21
C UNK E 115 46.43 -2.12 53.76
N UNK E 116 46.68 -3.07 52.84
CA UNK E 116 46.81 -4.49 53.15
C UNK E 116 48.07 -5.04 52.50
N UNK E 117 48.41 -6.29 52.85
CA UNK E 117 49.60 -6.96 52.35
C UNK E 117 49.25 -7.85 51.15
N UNK E 118 50.16 -7.88 50.17
CA UNK E 118 50.01 -8.68 48.96
C UNK E 118 50.85 -9.94 49.07
N UNK E 119 50.18 -11.09 49.23
CA UNK E 119 50.83 -12.37 49.36
C UNK E 119 51.22 -12.90 47.98
N UNK E 120 52.37 -13.59 47.93
CA UNK E 120 52.89 -14.16 46.69
C UNK E 120 52.41 -15.60 46.53
N UNK E 121 51.76 -15.86 45.39
CA UNK E 121 51.23 -17.18 45.05
C UNK E 121 51.78 -17.60 43.69
N UNK E 122 52.97 -18.22 43.70
CA UNK E 122 53.64 -18.66 42.49
C UNK E 122 53.31 -20.12 42.20
N UNK E 123 52.84 -20.38 40.97
CA UNK E 123 52.47 -21.71 40.52
C UNK E 123 53.49 -22.24 39.51
N UNK E 124 53.43 -23.56 39.28
CA UNK E 124 54.31 -24.24 38.35
C UNK E 124 53.69 -24.23 36.95
N UNK E 125 54.47 -24.70 35.96
CA UNK E 125 54.05 -24.74 34.57
C UNK E 125 53.28 -26.03 34.29
N UNK E 126 52.38 -25.97 33.30
CA UNK E 126 51.56 -27.10 32.89
C UNK E 126 52.38 -28.09 32.08
N UNK E 127 51.80 -29.27 31.84
CA UNK E 127 52.45 -30.33 31.08
C UNK E 127 52.22 -30.14 29.59
N UNK E 128 50.96 -29.87 29.20
CA UNK E 128 50.57 -29.65 27.82
C UNK E 128 51.27 -28.42 27.25
N UNK E 129 51.59 -27.48 28.14
CA UNK E 129 52.25 -26.24 27.77
C UNK E 129 53.76 -26.49 27.61
N UNK E 130 54.34 -27.21 28.57
CA UNK E 130 55.75 -27.54 28.58
C UNK E 130 56.13 -28.40 27.38
N UNK E 131 55.21 -29.28 26.97
CA UNK E 131 55.43 -30.16 25.83
C UNK E 131 55.61 -29.32 24.56
N UNK E 132 54.75 -28.30 24.42
CA UNK E 132 54.78 -27.39 23.29
C UNK E 132 55.94 -26.43 23.42
N UNK E 133 56.57 -26.40 24.60
CA UNK E 133 57.71 -25.54 24.87
C UNK E 133 57.23 -24.14 25.24
N UNK E 134 56.16 -24.08 26.03
CA UNK E 134 55.59 -22.81 26.48
C UNK E 134 55.48 -22.83 28.01
N UNK E 135 56.62 -23.11 28.66
CA UNK E 135 56.71 -23.17 30.10
C UNK E 135 56.70 -21.75 30.69
N UNK E 136 55.61 -21.43 31.39
CA UNK E 136 55.43 -20.12 32.00
C UNK E 136 55.23 -20.26 33.51
N UNK E 137 56.02 -19.48 34.28
CA UNK E 137 55.96 -19.47 35.72
C UNK E 137 55.01 -18.36 36.16
N UNK E 138 53.82 -18.74 36.62
CA UNK E 138 52.78 -17.81 37.05
C UNK E 138 53.00 -17.35 38.48
N CYS E 139 52.40 -16.18 38.80
CA CYS E 139 52.45 -15.57 40.11
C CYS E 139 51.34 -14.53 40.23
N UNK E 140 50.41 -14.77 41.17
CA UNK E 140 49.29 -13.89 41.41
C UNK E 140 49.63 -12.92 42.55
N UNK E 141 49.04 -11.72 42.49
CA UNK E 141 49.24 -10.69 43.49
C UNK E 141 47.89 -9.99 43.77
N UNK E 142 46.89 -10.80 44.12
CA UNK E 142 45.55 -10.33 44.42
C UNK E 142 45.40 -10.07 45.92
N UNK E 143 44.22 -9.57 46.30
CA UNK E 143 43.85 -9.25 47.68
C UNK E 143 44.83 -8.25 48.28
N UNK E 144 44.91 -7.07 47.67
CA UNK E 144 45.78 -5.99 48.12
C UNK E 144 45.12 -4.64 47.86
N UNK E 145 45.13 -3.78 48.89
CA UNK E 145 44.54 -2.45 48.80
C UNK E 145 45.62 -1.43 48.43
N UNK E 146 46.28 -1.69 47.30
CA UNK E 146 47.33 -0.84 46.75
C UNK E 146 47.42 -1.08 45.25
N UNK E 147 47.49 0.01 44.48
CA UNK E 147 47.57 -0.04 43.03
C UNK E 147 48.89 -0.65 42.58
N UNK E 148 49.99 -0.23 43.20
CA UNK E 148 51.31 -0.72 42.87
C UNK E 148 51.48 -2.17 43.34
N UNK E 149 51.39 -3.10 42.37
CA UNK E 149 51.53 -4.53 42.62
C UNK E 149 52.50 -5.10 41.60
N UNK E 150 53.80 -4.93 41.87
CA UNK E 150 54.87 -5.39 41.00
C UNK E 150 55.08 -6.90 41.15
N UNK E 151 55.62 -7.51 40.09
CA UNK E 151 55.91 -8.93 40.03
C UNK E 151 57.11 -9.17 39.12
N UNK E 152 58.31 -9.12 39.71
CA UNK E 152 59.56 -9.31 38.99
C UNK E 152 60.01 -10.77 39.11
N UNK E 153 59.98 -11.48 37.98
CA UNK E 153 60.36 -12.89 37.92
C UNK E 153 61.87 -13.03 37.78
N UNK E 154 62.43 -14.04 38.45
CA UNK E 154 63.86 -14.32 38.43
C UNK E 154 64.13 -15.63 37.68
N UNK E 155 65.42 -15.90 37.44
CA UNK E 155 65.89 -17.09 36.75
C UNK E 155 67.37 -17.29 37.04
N UNK E 156 67.68 -18.35 37.81
CA UNK E 156 69.03 -18.72 38.21
C UNK E 156 69.70 -17.60 39.01
N UNK E 157 69.03 -17.18 40.09
CA UNK E 157 69.48 -16.14 41.01
C UNK E 157 69.78 -14.84 40.27
N UNK E 158 68.84 -14.42 39.41
CA UNK E 158 68.95 -13.20 38.62
C UNK E 158 67.58 -12.82 38.06
N UNK E 159 67.22 -11.54 38.22
CA UNK E 159 65.96 -11.01 37.74
C UNK E 159 65.95 -10.98 36.21
N UNK E 160 64.86 -11.48 35.62
CA UNK E 160 64.69 -11.56 34.17
C UNK E 160 64.57 -10.17 33.55
N UNK E 161 65.02 -10.06 32.29
CA UNK E 161 64.98 -8.82 31.53
C UNK E 161 64.54 -9.11 30.10
N UNK E 162 63.34 -8.64 29.76
CA UNK E 162 62.76 -8.81 28.43
C UNK E 162 62.19 -10.22 28.28
N UNK E 163 61.65 -10.76 29.38
CA UNK E 163 61.08 -12.10 29.39
C UNK E 163 59.86 -12.15 30.30
N UNK E 164 59.02 -11.10 30.24
CA UNK E 164 57.81 -11.02 31.05
C UNK E 164 56.84 -10.00 30.47
N UNK E 165 55.55 -10.22 30.74
CA UNK E 165 54.45 -9.36 30.30
C UNK E 165 53.31 -9.48 31.32
N UNK E 166 53.38 -8.64 32.36
CA UNK E 166 52.40 -8.63 33.44
C UNK E 166 51.20 -7.76 33.07
N UNK E 167 50.06 -8.05 33.72
CA UNK E 167 48.81 -7.33 33.50
C UNK E 167 48.08 -7.16 34.83
N UNK E 168 47.81 -5.89 35.18
CA UNK E 168 47.12 -5.54 36.42
C UNK E 168 45.61 -5.51 36.17
N UNK E 169 44.84 -5.93 37.18
CA UNK E 169 43.39 -5.98 37.10
C UNK E 169 42.77 -4.68 37.61
N UNK E 170 41.44 -4.62 37.57
CA UNK E 170 40.66 -3.46 38.01
C UNK E 170 40.48 -3.48 39.53
N UNK E 171 39.90 -2.38 40.05
CA UNK E 171 39.65 -2.22 41.47
C UNK E 171 38.40 -3.02 41.87
N UNK E 172 38.63 -4.10 42.63
CA UNK E 172 37.59 -5.00 43.11
C UNK E 172 36.65 -4.25 44.06
N UNK E 173 35.35 -4.39 43.81
CA UNK E 173 34.31 -3.74 44.59
C UNK E 173 33.83 -4.67 45.70
N UNK E 174 34.69 -4.83 46.72
CA UNK E 174 34.41 -5.66 47.88
C UNK E 174 34.88 -4.91 49.13
N UNK E 175 36.18 -4.55 49.12
CA UNK E 175 36.81 -3.82 50.21
C UNK E 175 37.92 -2.93 49.66
N UNK E 176 37.69 -2.40 48.44
CA UNK E 176 38.61 -1.53 47.73
C UNK E 176 39.98 -2.18 47.58
N UNK E 177 40.03 -3.28 46.83
CA UNK E 177 41.25 -4.02 46.57
C UNK E 177 41.43 -4.20 45.06
N UNK E 178 42.53 -4.85 44.66
CA UNK E 178 42.83 -5.09 43.26
C UNK E 178 43.56 -6.42 43.10
N UNK E 179 43.91 -6.75 41.85
CA UNK E 179 44.62 -7.98 41.53
C UNK E 179 45.63 -7.74 40.41
N UNK E 180 46.58 -8.67 40.29
CA UNK E 180 47.64 -8.64 39.28
C UNK E 180 48.25 -10.03 39.16
N UNK E 181 47.99 -10.69 38.02
CA UNK E 181 48.51 -12.03 37.78
C UNK E 181 49.52 -11.98 36.63
N UNK E 182 50.80 -12.18 36.98
CA UNK E 182 51.90 -12.15 36.03
C UNK E 182 52.37 -13.58 35.72
N UNK E 183 53.09 -13.71 34.61
CA UNK E 183 53.62 -14.99 34.16
C UNK E 183 54.94 -14.79 33.42
N UNK E 184 55.92 -15.63 33.73
CA UNK E 184 57.24 -15.59 33.13
C UNK E 184 57.40 -16.75 32.15
N UNK E 185 57.06 -16.49 30.88
CA UNK E 185 57.13 -17.48 29.82
C UNK E 185 58.55 -17.59 29.27
N UNK E 186 58.94 -18.81 28.90
CA UNK E 186 60.24 -19.13 28.35
C UNK E 186 60.15 -20.37 27.48
N UNK E 187 61.28 -20.75 26.87
CA UNK E 187 61.36 -21.93 26.01
C UNK E 187 61.46 -23.18 26.87
N UNK E 188 61.48 -24.35 26.22
CA UNK E 188 61.57 -25.63 26.89
C UNK E 188 62.95 -25.84 27.48
N UNK E 189 63.98 -25.60 26.67
CA UNK E 189 65.38 -25.75 27.07
C UNK E 189 65.78 -24.69 28.09
N UNK E 190 65.16 -23.50 27.98
CA UNK E 190 65.43 -22.39 28.86
C UNK E 190 64.93 -22.70 30.27
N UNK E 191 63.70 -23.21 30.37
CA UNK E 191 63.07 -23.55 31.63
C UNK E 191 63.70 -24.80 32.23
N UNK E 192 64.18 -25.70 31.37
CA UNK E 192 64.82 -26.94 31.81
C UNK E 192 66.21 -26.65 32.38
N UNK E 193 66.91 -25.70 31.76
CA UNK E 193 68.25 -25.31 32.18
C UNK E 193 68.20 -24.58 33.52
N UNK E 194 67.17 -23.73 33.70
CA UNK E 194 66.99 -22.97 34.92
C UNK E 194 66.58 -23.91 36.06
N UNK E 195 67.19 -23.70 37.22
CA UNK E 195 66.93 -24.51 38.40
C UNK E 195 65.59 -24.12 39.03
N UNK E 196 65.41 -22.81 39.25
CA UNK E 196 64.19 -22.28 39.85
C UNK E 196 63.84 -20.94 39.21
N UNK E 197 62.53 -20.61 39.20
CA UNK E 197 62.03 -19.37 38.64
C UNK E 197 61.10 -18.70 39.65
N UNK E 198 61.70 -17.91 40.55
CA UNK E 198 60.98 -17.20 41.60
C UNK E 198 60.46 -15.86 41.11
N CYS E 199 59.56 -15.26 41.90
CA CYS E 199 58.95 -13.97 41.60
C CYS E 199 58.54 -13.29 42.91
N UNK E 200 59.08 -12.09 43.14
CA UNK E 200 58.82 -11.31 44.34
C UNK E 200 57.82 -10.19 44.04
N UNK E 201 57.12 -9.75 45.08
CA UNK E 201 56.13 -8.69 45.01
C UNK E 201 56.27 -7.77 46.22
N UNK E 202 57.03 -6.69 46.05
CA UNK E 202 57.28 -5.72 47.10
C UNK E 202 56.37 -4.51 46.95
N UNK E 203 55.10 -4.69 47.34
CA UNK E 203 54.09 -3.65 47.26
C UNK E 203 54.15 -2.76 48.51
N UNK E 204 53.17 -1.85 48.63
CA UNK E 204 53.09 -0.93 49.76
C UNK E 204 52.21 -1.51 50.85
N UNK E 205 52.57 -2.74 51.28
CA UNK E 205 51.83 -3.44 52.33
C UNK E 205 52.79 -3.95 53.40
N UNK E 206 53.77 -4.77 52.97
CA UNK E 206 54.75 -5.35 53.86
C UNK E 206 56.04 -4.54 53.88
N UNK E 207 56.87 -4.78 54.90
CA UNK E 207 58.14 -4.09 55.08
C UNK E 207 59.17 -4.59 54.09
N UNK E 208 59.45 -5.90 54.12
CA UNK E 208 60.41 -6.53 53.23
C UNK E 208 59.72 -7.00 51.96
N UNK E 209 60.50 -7.64 51.07
CA UNK E 209 60.02 -8.15 49.81
C UNK E 209 59.77 -9.66 49.93
N UNK E 210 58.49 -10.05 49.83
CA UNK E 210 58.08 -11.44 49.95
C UNK E 210 58.02 -12.09 48.56
N UNK E 211 58.37 -13.38 48.50
CA UNK E 211 58.39 -14.14 47.27
C UNK E 211 57.96 -15.59 47.53
N UNK E 212 58.02 -16.40 46.47
CA UNK E 212 57.68 -17.81 46.51
C UNK E 212 58.54 -18.55 45.48
N UNK E 213 59.63 -19.15 45.96
CA UNK E 213 60.56 -19.88 45.11
C UNK E 213 60.24 -21.37 45.13
N UNK E 214 60.44 -22.02 43.97
CA UNK E 214 60.21 -23.45 43.81
C UNK E 214 61.10 -24.00 42.71
N UNK E 215 61.65 -25.21 42.95
CA UNK E 215 62.53 -25.89 42.02
C UNK E 215 61.74 -26.42 40.83
N UNK E 216 62.34 -26.29 39.64
CA UNK E 216 61.74 -26.73 38.39
C UNK E 216 62.12 -28.19 38.11
N UNK E 217 61.78 -29.06 39.06
CA UNK E 217 62.06 -30.48 38.96
C UNK E 217 60.86 -31.28 39.46
N UNK E 218 60.46 -31.02 40.71
CA UNK E 218 59.34 -31.69 41.34
C UNK E 218 58.05 -30.91 41.09
N CYS E 219 58.11 -29.59 41.26
CA CYS E 219 56.95 -28.73 41.06
C CYS E 219 56.65 -28.62 39.56
N UNK E 301 11.68 -0.14 30.87
CA UNK E 301 11.05 0.84 29.95
C UNK E 301 11.40 0.50 28.50
N UNK E 302 12.70 0.49 28.20
CA UNK E 302 13.21 0.18 26.87
C UNK E 302 14.55 -0.54 26.99
N UNK E 303 14.88 -1.35 25.97
CA UNK E 303 16.12 -2.10 25.94
C UNK E 303 16.51 -2.42 24.49
N UNK E 304 17.75 -2.86 24.30
CA UNK E 304 18.29 -3.22 23.00
C UNK E 304 19.52 -4.11 23.16
N UNK E 305 19.34 -5.41 22.93
CA UNK E 305 20.40 -6.40 23.05
C UNK E 305 21.18 -6.50 21.73
N UNK E 306 22.39 -5.94 21.73
CA UNK E 306 23.26 -5.94 20.58
C UNK E 306 23.94 -7.30 20.44
N UNK E 307 24.76 -7.45 19.39
CA UNK E 307 25.47 -8.69 19.13
C UNK E 307 26.82 -8.69 19.85
N UNK E 308 27.66 -9.67 19.50
CA UNK E 308 28.99 -9.82 20.08
C UNK E 308 30.00 -9.04 19.24
N UNK E 309 31.29 -9.32 19.47
CA UNK E 309 32.36 -8.66 18.74
C UNK E 309 32.49 -9.22 17.33
N UNK E 310 33.05 -8.42 16.42
CA UNK E 310 33.23 -8.82 15.03
C UNK E 310 34.68 -8.67 14.60
N UNK E 311 35.11 -9.53 13.67
CA UNK E 311 36.45 -9.53 13.14
C UNK E 311 36.42 -9.24 11.63
N UNK E 312 37.35 -8.39 11.18
CA UNK E 312 37.45 -8.00 9.78
C UNK E 312 38.89 -7.62 9.44
N UNK E 313 39.16 -7.45 8.14
CA UNK E 313 40.48 -7.09 7.64
C UNK E 313 40.52 -5.61 7.25
N UNK E 314 41.67 -5.18 6.70
CA UNK E 314 41.88 -3.81 6.27
C UNK E 314 41.06 -3.52 5.02
N UNK E 315 40.16 -2.54 5.14
CA UNK E 315 39.29 -2.15 4.03
C UNK E 315 38.17 -3.17 3.87
N UNK E 316 37.51 -3.50 4.98
CA UNK E 316 36.42 -4.46 5.01
C UNK E 316 35.22 -3.85 5.72
N UNK E 317 34.18 -4.67 5.93
CA UNK E 317 32.96 -4.24 6.58
C UNK E 317 33.00 -4.60 8.07
N UNK E 318 32.37 -3.74 8.89
CA UNK E 318 32.31 -3.92 10.33
C UNK E 318 31.09 -3.16 10.88
N UNK E 319 29.96 -3.87 10.97
CA UNK E 319 28.71 -3.30 11.47
C UNK E 319 28.39 -3.86 12.85
N UNK E 320 27.20 -3.52 13.36
CA UNK E 320 26.73 -3.96 14.67
C UNK E 320 25.23 -4.17 14.65
N UNK E 321 24.77 -5.22 15.35
CA UNK E 321 23.36 -5.56 15.45
C UNK E 321 22.71 -4.73 16.55
N CYS E 322 21.50 -4.23 16.28
CA CYS E 322 20.75 -3.41 17.21
C CYS E 322 19.28 -3.82 17.18
N UNK E 323 18.94 -4.84 17.98
CA UNK E 323 17.59 -5.37 18.08
C UNK E 323 17.08 -5.21 19.51
N UNK E 324 15.81 -4.79 19.63
CA UNK E 324 15.17 -4.55 20.92
C UNK E 324 14.30 -5.74 21.34
N UNK E 325 13.91 -5.73 22.63
CA UNK E 325 13.08 -6.77 23.22
C UNK E 325 11.82 -6.14 23.81
N UNK E 326 11.18 -5.27 23.01
CA UNK E 326 9.95 -4.58 23.39
C UNK E 326 9.07 -4.43 22.16
N UNK E 327 8.25 -3.38 22.15
CA UNK E 327 7.35 -3.12 21.03
C UNK E 327 8.12 -2.45 19.90
N UNK E 328 8.83 -1.36 20.23
CA UNK E 328 9.63 -0.60 19.28
C UNK E 328 10.77 0.12 20.00
N UNK E 329 11.39 1.08 19.29
CA UNK E 329 12.50 1.86 19.81
C UNK E 329 11.99 3.12 20.51
N UNK E 330 12.85 4.14 20.62
CA UNK E 330 12.54 5.40 21.27
C UNK E 330 11.84 6.34 20.28
N UNK E 331 11.35 7.47 20.82
CA UNK E 331 10.62 8.49 20.05
C UNK E 331 11.55 9.30 19.14
N UNK E 332 12.54 9.97 19.74
CA UNK E 332 13.48 10.82 19.01
C UNK E 332 14.24 10.01 17.97
N UNK E 333 14.91 8.94 18.40
CA UNK E 333 15.66 8.09 17.50
C UNK E 333 16.66 7.22 18.26
N UNK E 334 17.08 6.14 17.61
CA UNK E 334 18.04 5.19 18.16
C UNK E 334 19.45 5.81 18.09
N UNK E 335 19.76 6.62 19.11
CA UNK E 335 21.02 7.33 19.23
C UNK E 335 22.17 6.35 19.52
N UNK E 336 23.39 6.82 19.27
CA UNK E 336 24.60 6.03 19.48
C UNK E 336 25.68 6.87 20.16
N UNK E 337 26.53 6.19 20.92
CA UNK E 337 27.64 6.81 21.64
C UNK E 337 28.86 5.90 21.54
N UNK E 338 29.90 6.38 20.84
CA UNK E 338 31.13 5.63 20.63
C UNK E 338 31.96 5.58 21.90
N UNK E 339 32.66 4.45 22.08
CA UNK E 339 33.52 4.20 23.22
C UNK E 339 34.75 3.43 22.75
N UNK E 340 35.81 4.18 22.41
CA UNK E 340 37.06 3.63 21.93
C UNK E 340 38.04 3.47 23.10
N UNK E 341 39.19 2.83 22.83
CA UNK E 341 40.21 2.59 23.82
C UNK E 341 40.91 3.89 24.19
N UNK E 342 40.98 4.16 25.51
CA UNK E 342 41.61 5.35 26.04
C UNK E 342 40.72 6.57 25.82
N UNK E 343 39.44 6.45 26.19
CA UNK E 343 38.45 7.50 26.03
C UNK E 343 37.28 7.25 26.99
N UNK E 344 36.47 8.30 27.19
CA UNK E 344 35.31 8.22 28.06
C UNK E 344 34.06 7.89 27.23
N UNK E 345 33.53 8.91 26.54
CA UNK E 345 32.35 8.78 25.70
C UNK E 345 32.25 9.96 24.73
N UNK E 346 31.58 9.73 23.60
CA UNK E 346 31.36 10.72 22.56
C UNK E 346 30.21 10.27 21.66
N UNK E 347 29.45 11.24 21.15
CA UNK E 347 28.32 10.97 20.27
C UNK E 347 28.80 10.97 18.82
N UNK E 348 28.28 10.03 18.02
CA UNK E 348 28.65 9.88 16.63
C UNK E 348 27.49 10.28 15.71
N UNK E 349 26.40 9.50 15.77
CA UNK E 349 25.23 9.74 14.94
C UNK E 349 24.00 9.08 15.56
N UNK E 350 22.85 9.74 15.41
CA UNK E 350 21.58 9.27 15.94
C UNK E 350 20.62 8.95 14.79
N UNK E 351 20.44 7.65 14.53
CA UNK E 351 19.54 7.17 13.48
C UNK E 351 18.21 6.79 14.11
N UNK E 352 17.11 7.24 13.48
CA UNK E 352 15.78 6.96 14.00
C UNK E 352 15.20 5.68 13.40
N UNK E 353 14.30 5.07 14.18
CA UNK E 353 13.60 3.85 13.82
C UNK E 353 12.10 4.16 13.77
N UNK E 354 11.76 5.45 13.88
CA UNK E 354 10.39 5.92 13.85
C UNK E 354 9.86 5.95 12.43
N UNK E 355 10.59 6.65 11.54
CA UNK E 355 10.23 6.78 10.14
C UNK E 355 11.41 6.44 9.25
N UNK E 356 12.37 7.37 9.13
CA UNK E 356 13.54 7.11 8.29
C UNK E 356 14.66 8.13 8.46
N UNK E 357 14.35 9.35 8.93
CA UNK E 357 15.34 10.41 9.08
C UNK E 357 16.25 10.21 10.29
N UNK E 358 17.55 10.50 10.09
CA UNK E 358 18.59 10.40 11.11
C UNK E 358 19.19 11.79 11.35
N UNK E 359 20.15 11.88 12.28
CA UNK E 359 20.82 13.12 12.61
C UNK E 359 22.17 12.82 13.27
N UNK E 360 23.26 13.23 12.61
CA UNK E 360 24.60 12.97 13.11
C UNK E 360 25.35 14.28 13.40
N UNK E 361 26.62 14.14 13.80
CA UNK E 361 27.50 15.26 14.13
C UNK E 361 28.30 15.66 12.88
N UNK E 362 28.94 16.83 12.95
CA UNK E 362 29.71 17.39 11.85
C UNK E 362 31.06 16.68 11.68
N UNK E 363 31.71 16.37 12.81
CA UNK E 363 33.01 15.71 12.81
C UNK E 363 32.96 14.39 12.05
N UNK E 364 32.08 13.47 12.50
CA UNK E 364 31.92 12.17 11.89
C UNK E 364 31.18 12.32 10.56
N UNK E 365 31.89 12.01 9.46
CA UNK E 365 31.33 12.11 8.12
C UNK E 365 31.98 11.08 7.21
N UNK E 366 31.13 10.19 6.66
CA UNK E 366 31.57 9.16 5.74
C UNK E 366 31.85 7.83 6.46
N UNK E 367 31.56 7.77 7.77
CA UNK E 367 31.79 6.56 8.54
C UNK E 367 30.75 6.40 9.64
N UNK E 368 29.51 6.81 9.35
CA UNK E 368 28.40 6.71 10.29
C UNK E 368 27.13 6.34 9.54
N UNK E 369 27.22 5.31 8.70
CA UNK E 369 26.12 4.82 7.88
C UNK E 369 25.14 4.01 8.73
N UNK E 370 24.44 4.70 9.61
CA UNK E 370 23.45 4.09 10.50
C UNK E 370 22.07 4.17 9.87
N UNK E 371 21.53 3.01 9.48
CA UNK E 371 20.23 2.92 8.85
C UNK E 371 19.21 2.33 9.84
N UNK E 372 18.01 2.02 9.33
CA UNK E 372 16.94 1.46 10.14
C UNK E 372 16.31 0.29 9.39
N UNK E 373 16.15 -0.85 10.09
CA UNK E 373 15.57 -2.06 9.53
C UNK E 373 14.10 -2.18 9.94
N UNK E 374 13.20 -1.96 8.96
CA UNK E 374 11.77 -2.02 9.18
C UNK E 374 11.26 -3.44 8.94
N UNK E 375 11.82 -4.41 9.68
CA UNK E 375 11.44 -5.81 9.57
C UNK E 375 10.99 -6.35 10.92
N UNK E 376 11.84 -6.18 11.94
CA UNK E 376 11.54 -6.65 13.28
C UNK E 376 11.95 -5.60 14.32
N UNK E 377 11.70 -4.33 13.99
CA UNK E 377 12.01 -3.18 14.83
C UNK E 377 13.47 -3.21 15.25
N UNK E 378 14.35 -2.99 14.27
CA UNK E 378 15.79 -2.99 14.49
C UNK E 378 16.43 -1.78 13.81
N UNK E 379 17.59 -1.37 14.32
CA UNK E 379 18.35 -0.25 13.77
C UNK E 379 19.70 -0.76 13.28
N UNK E 380 20.52 0.15 12.75
CA UNK E 380 21.84 -0.20 12.25
C UNK E 380 22.88 0.80 12.75
N UNK E 381 24.16 0.39 12.71
CA UNK E 381 25.27 1.23 13.14
C UNK E 381 26.53 0.86 12.33
N UNK E 382 26.34 0.70 11.01
CA UNK E 382 27.40 0.35 10.09
C UNK E 382 28.31 1.55 9.83
N UNK E 383 29.54 1.26 9.39
CA UNK E 383 30.54 2.27 9.08
C UNK E 383 31.48 1.75 8.00
N UNK E 384 31.44 2.40 6.83
CA UNK E 384 32.28 2.03 5.69
C UNK E 384 33.68 2.60 5.88
N UNK E 385 34.63 2.06 5.09
CA UNK E 385 36.02 2.46 5.12
C UNK E 385 36.54 2.44 6.57
N UNK E 386 36.55 1.24 7.15
CA UNK E 386 36.97 1.01 8.53
C UNK E 386 38.43 1.42 8.72
N UNK E 387 38.68 2.12 9.83
CA UNK E 387 39.99 2.60 10.23
C UNK E 387 40.20 2.25 11.70
N UNK E 388 41.32 2.70 12.27
CA UNK E 388 41.63 2.45 13.66
C UNK E 388 40.77 3.33 14.56
N UNK E 389 40.30 4.45 14.00
CA UNK E 389 39.47 5.42 14.71
C UNK E 389 38.01 5.00 14.73
N UNK E 390 37.49 4.59 13.57
CA UNK E 390 36.09 4.19 13.42
C UNK E 390 35.82 2.88 14.18
N UNK E 391 36.89 2.19 14.57
CA UNK E 391 36.81 0.93 15.30
C UNK E 391 36.36 1.20 16.74
N UNK E 392 35.06 1.01 16.99
CA UNK E 392 34.47 1.23 18.30
C UNK E 392 33.23 0.35 18.46
N UNK E 393 32.87 0.08 19.73
CA UNK E 393 31.71 -0.72 20.08
C UNK E 393 30.44 0.12 19.89
N UNK E 394 29.69 -0.19 18.82
CA UNK E 394 28.47 0.52 18.48
C UNK E 394 27.25 -0.17 19.10
N UNK E 395 26.25 0.65 19.47
CA UNK E 395 25.01 0.18 20.07
C UNK E 395 23.91 1.22 19.83
N CYS E 396 22.88 1.21 20.70
CA CYS E 396 21.76 2.14 20.63
C CYS E 396 21.06 2.21 21.99
N UNK E 397 21.00 3.44 22.53
CA UNK E 397 20.37 3.72 23.81
C UNK E 397 19.02 4.40 23.57
N UNK E 398 18.03 3.60 23.14
CA UNK E 398 16.69 4.06 22.84
C UNK E 398 15.97 4.54 24.09
N UNK E 399 16.26 5.79 24.49
CA UNK E 399 15.66 6.41 25.66
C UNK E 399 14.59 7.41 25.22
N UNK E 400 13.38 7.22 25.77
CA UNK E 400 12.25 8.09 25.47
C UNK E 400 12.23 9.27 26.43
N UNK E 401 12.04 8.98 27.73
CA UNK E 401 12.00 9.97 28.79
C UNK E 401 13.40 10.21 29.33
N UNK E 402 13.48 10.94 30.46
CA UNK E 402 14.75 11.26 31.10
C UNK E 402 15.08 10.26 32.20
N UNK E 403 14.05 9.76 32.88
CA UNK E 403 14.19 8.81 33.98
C UNK E 403 14.40 7.40 33.44
N UNK E 404 13.41 6.91 32.67
CA UNK E 404 13.46 5.58 32.08
C UNK E 404 14.25 5.63 30.78
N UNK E 405 15.53 5.23 30.85
CA UNK E 405 16.43 5.23 29.71
C UNK E 405 16.68 3.81 29.22
N UNK E 406 17.56 3.68 28.22
CA UNK E 406 17.94 2.40 27.64
C UNK E 406 19.39 2.46 27.18
N UNK E 407 19.95 1.28 26.89
CA UNK E 407 21.33 1.13 26.42
C UNK E 407 21.45 -0.12 25.55
N UNK E 408 22.67 -0.42 25.13
CA UNK E 408 22.95 -1.59 24.29
C UNK E 408 24.05 -2.44 24.90
N UNK E 409 24.42 -3.52 24.21
CA UNK E 409 25.45 -4.43 24.67
C UNK E 409 26.83 -3.91 24.26
N UNK E 410 26.85 -3.02 23.27
CA UNK E 410 28.08 -2.42 22.76
C UNK E 410 28.90 -3.47 22.02
N UNK E 411 28.42 -3.86 20.84
CA UNK E 411 29.07 -4.85 19.99
C UNK E 411 30.34 -4.23 19.40
N UNK E 412 31.49 -4.71 19.87
CA UNK E 412 32.80 -4.23 19.43
C UNK E 412 33.05 -4.54 17.96
N UNK E 413 33.58 -3.54 17.25
CA UNK E 413 33.90 -3.64 15.84
C UNK E 413 35.39 -3.32 15.64
N UNK E 414 36.20 -4.38 15.47
CA UNK E 414 37.64 -4.24 15.32
C UNK E 414 38.05 -4.23 13.85
N UNK E 415 39.26 -3.70 13.59
CA UNK E 415 39.83 -3.60 12.27
C UNK E 415 41.36 -3.64 12.37
N UNK E 416 41.93 -4.83 12.14
CA UNK E 416 43.37 -5.05 12.20
C UNK E 416 43.75 -6.19 11.24
N UNK E 417 45.06 -6.48 11.17
CA UNK E 417 45.58 -7.53 10.31
C UNK E 417 46.29 -8.60 11.15
N UNK E 418 45.52 -9.62 11.55
CA UNK E 418 46.00 -10.74 12.34
C UNK E 418 45.07 -11.94 12.16
N UNK E 419 45.66 -13.15 12.15
CA UNK E 419 44.92 -14.38 12.00
C UNK E 419 44.40 -14.86 13.35
N UNK E 420 43.21 -15.46 13.35
CA UNK E 420 42.55 -15.97 14.55
C UNK E 420 43.19 -17.29 14.98
N UNK E 421 43.11 -17.56 16.29
CA UNK E 421 43.66 -18.77 16.89
C UNK E 421 42.83 -19.17 18.11
N UNK E 422 42.69 -20.48 18.31
CA UNK E 422 41.93 -21.04 19.42
C UNK E 422 42.72 -20.92 20.73
N UNK E 423 42.01 -20.57 21.80
CA UNK E 423 42.61 -20.41 23.12
C UNK E 423 42.72 -21.77 23.81
N UNK E 424 43.97 -22.22 24.00
CA UNK E 424 44.26 -23.50 24.65
C UNK E 424 44.42 -23.25 26.15
N UNK E 425 43.64 -23.99 26.95
CA UNK E 425 43.66 -23.88 28.40
C UNK E 425 44.64 -24.86 29.01
N UNK E 426 45.61 -24.33 29.77
CA UNK E 426 46.63 -25.10 30.45
C UNK E 426 46.28 -25.16 31.94
N UNK E 427 46.36 -26.37 32.51
CA UNK E 427 46.02 -26.61 33.90
C UNK E 427 47.20 -26.29 34.82
N UNK E 428 46.94 -25.44 35.83
CA UNK E 428 47.93 -25.04 36.82
C UNK E 428 47.48 -25.52 38.19
N UNK E 429 48.23 -26.47 38.75
CA UNK E 429 47.95 -27.07 40.04
C UNK E 429 48.32 -26.12 41.18
N UNK E 430 47.54 -26.19 42.27
CA UNK E 430 47.74 -25.36 43.45
C UNK E 430 48.65 -26.10 44.43
N UNK E 431 49.92 -25.69 44.46
CA UNK E 431 50.92 -26.28 45.34
C UNK E 431 50.93 -25.54 46.68
N UNK E 432 51.74 -26.04 47.61
CA UNK E 432 51.87 -25.44 48.94
C UNK E 432 52.56 -24.08 48.85
N UNK E 433 53.36 -23.89 47.79
CA UNK E 433 54.08 -22.65 47.56
C UNK E 433 53.09 -21.54 47.21
N UNK E 434 52.08 -21.88 46.41
CA UNK E 434 51.05 -20.94 45.98
C UNK E 434 50.03 -20.75 47.10
N UNK E 435 50.00 -21.70 48.05
CA UNK E 435 49.09 -21.67 49.18
C UNK E 435 49.58 -20.66 50.22
N UNK E 436 48.63 -20.01 50.90
CA UNK E 436 48.93 -19.00 51.90
C UNK E 436 48.44 -19.43 53.28
N UNK E 437 48.24 -20.74 53.46
CA UNK E 437 47.79 -21.30 54.73
C UNK E 437 46.26 -21.32 54.85
N UNK E 438 45.59 -20.51 54.03
CA UNK E 438 44.14 -20.42 54.05
C UNK E 438 43.60 -20.24 52.64
N UNK E 439 44.38 -20.66 51.65
CA UNK E 439 44.01 -20.54 50.24
C UNK E 439 44.82 -21.51 49.38
N UNK E 440 44.35 -21.70 48.14
CA UNK E 440 44.97 -22.56 47.14
C UNK E 440 44.49 -22.13 45.76
N UNK E 441 45.30 -21.30 45.08
CA UNK E 441 44.99 -20.79 43.77
C UNK E 441 45.10 -21.89 42.71
N UNK E 442 43.93 -22.42 42.31
CA UNK E 442 43.85 -23.47 41.32
C UNK E 442 43.04 -22.95 40.12
N UNK E 443 43.74 -22.31 39.18
CA UNK E 443 43.13 -21.74 37.99
C UNK E 443 43.77 -22.33 36.73
N CYS E 444 43.46 -21.73 35.58
CA CYS E 444 43.98 -22.16 34.28
C CYS E 444 44.71 -21.02 33.59
N UNK E 445 45.35 -21.33 32.47
CA UNK E 445 46.09 -20.36 31.68
C UNK E 445 45.72 -20.48 30.21
N UNK E 446 44.97 -19.49 29.71
CA UNK E 446 44.52 -19.44 28.33
C UNK E 446 45.43 -18.52 27.52
N UNK E 447 46.61 -19.04 27.20
CA UNK E 447 47.62 -18.31 26.43
C UNK E 447 47.55 -18.69 24.96
N UNK E 448 48.09 -17.82 24.10
CA UNK E 448 48.13 -17.98 22.66
C UNK E 448 46.72 -17.93 22.08
N UNK E 449 46.11 -16.74 22.16
CA UNK E 449 44.76 -16.50 21.66
C UNK E 449 44.68 -15.12 21.02
N UNK E 450 44.58 -15.10 19.68
CA UNK E 450 44.48 -13.87 18.92
C UNK E 450 43.04 -13.36 18.97
N UNK E 451 42.83 -12.11 18.50
CA UNK E 451 41.52 -11.47 18.51
C UNK E 451 40.93 -11.56 19.92
N UNK E 452 41.68 -10.99 20.87
CA UNK E 452 41.40 -10.94 22.30
C UNK E 452 39.95 -11.25 22.64
N UNK E 453 39.75 -12.43 23.24
CA UNK E 453 38.48 -12.95 23.69
C UNK E 453 38.74 -14.17 24.57
N UNK E 454 39.22 -13.91 25.79
CA UNK E 454 39.55 -14.97 26.72
C UNK E 454 38.89 -14.73 28.08
N UNK E 455 37.68 -15.26 28.23
CA UNK E 455 36.91 -15.16 29.46
C UNK E 455 36.96 -16.49 30.18
N UNK E 456 37.62 -16.52 31.34
CA UNK E 456 37.77 -17.72 32.13
C UNK E 456 36.74 -17.73 33.27
N UNK E 457 35.73 -18.61 33.13
CA UNK E 457 34.67 -18.76 34.11
C UNK E 457 35.04 -19.87 35.07
N UNK E 458 34.10 -20.22 35.97
CA UNK E 458 34.30 -21.27 36.96
C UNK E 458 33.08 -22.19 36.97
N UNK E 459 33.31 -23.46 36.62
CA UNK E 459 32.29 -24.50 36.57
C UNK E 459 31.09 -24.06 35.73
N UNK E 460 31.39 -23.65 34.48
CA UNK E 460 30.41 -23.19 33.50
C UNK E 460 29.60 -22.01 34.02
N UNK E 461 30.28 -21.11 34.75
CA UNK E 461 29.66 -19.91 35.30
C UNK E 461 28.61 -20.28 36.35
N UNK E 462 29.10 -20.80 37.48
CA UNK E 462 28.23 -21.21 38.58
C UNK E 462 28.47 -20.29 39.79
N UNK E 463 29.71 -20.30 40.30
CA UNK E 463 30.08 -19.49 41.44
C UNK E 463 31.13 -18.45 41.05
N UNK E 464 30.93 -17.22 41.53
CA UNK E 464 31.82 -16.10 41.25
C UNK E 464 31.72 -15.08 42.39
N UNK E 465 32.44 -15.34 43.48
CA UNK E 465 32.42 -14.47 44.65
C UNK E 465 33.84 -14.35 45.22
N UNK E 466 34.36 -13.12 45.23
CA UNK E 466 35.69 -12.81 45.76
C UNK E 466 36.74 -12.87 44.66
N UNK E 467 36.34 -13.37 43.48
CA UNK E 467 37.25 -13.48 42.34
C UNK E 467 37.03 -12.33 41.37
N UNK E 468 38.14 -11.82 40.81
CA UNK E 468 38.11 -10.73 39.86
C UNK E 468 38.78 -11.15 38.56
N UNK E 469 38.26 -10.65 37.43
CA UNK E 469 38.79 -10.97 36.11
C UNK E 469 39.86 -9.96 35.73
N UNK E 470 41.05 -10.48 35.39
CA UNK E 470 42.19 -9.68 35.00
C UNK E 470 42.07 -9.25 33.53
N UNK E 471 42.76 -8.16 33.19
CA UNK E 471 42.75 -7.62 31.84
C UNK E 471 43.73 -8.39 30.96
N UNK E 472 43.36 -8.56 29.69
CA UNK E 472 44.18 -9.27 28.71
C UNK E 472 45.32 -8.36 28.25
N UNK E 473 46.52 -8.93 28.17
CA UNK E 473 47.71 -8.20 27.75
C UNK E 473 47.84 -8.22 26.23
N UNK E 474 48.61 -7.26 25.71
CA UNK E 474 48.85 -7.13 24.27
C UNK E 474 50.28 -7.54 23.95
N UNK E 475 50.43 -8.39 22.93
CA UNK E 475 51.73 -8.88 22.50
C UNK E 475 52.17 -8.11 21.24
N UNK E 476 53.41 -8.38 20.82
CA UNK E 476 53.97 -7.73 19.64
C UNK E 476 53.33 -8.31 18.37
N UNK E 477 52.99 -9.61 18.45
CA UNK E 477 52.37 -10.33 17.36
C UNK E 477 50.89 -9.94 17.22
N UNK E 478 50.36 -9.28 18.25
CA UNK E 478 48.97 -8.84 18.26
C UNK E 478 48.07 -9.96 18.79
N UNK E 479 48.59 -10.72 19.76
CA UNK E 479 47.86 -11.82 20.38
C UNK E 479 47.56 -11.46 21.83
N UNK E 480 46.77 -12.33 22.50
CA UNK E 480 46.40 -12.11 23.89
C UNK E 480 46.60 -13.39 24.70
N UNK E 481 47.16 -13.20 25.91
CA UNK E 481 47.44 -14.28 26.84
C UNK E 481 47.22 -13.77 28.27
N UNK E 482 46.01 -14.01 28.80
CA UNK E 482 45.64 -13.57 30.13
C UNK E 482 46.02 -14.62 31.18
N UNK E 483 45.85 -14.26 32.45
CA UNK E 483 46.15 -15.12 33.58
C UNK E 483 45.04 -14.99 34.63
N UNK E 484 44.14 -15.98 34.66
CA UNK E 484 43.03 -16.00 35.59
C UNK E 484 43.32 -17.00 36.71
N UNK E 485 43.30 -16.51 37.96
CA UNK E 485 43.56 -17.34 39.12
C UNK E 485 42.32 -17.38 40.01
N UNK E 486 41.71 -18.57 40.08
CA UNK E 486 40.52 -18.80 40.89
C UNK E 486 40.96 -19.32 42.26
N UNK E 487 40.69 -18.50 43.30
CA UNK E 487 41.05 -18.83 44.67
C UNK E 487 40.15 -19.93 45.23
N UNK E 488 40.74 -20.80 46.05
CA UNK E 488 40.03 -21.91 46.68
C UNK E 488 40.63 -22.21 48.05
N UNK E 489 40.15 -23.28 48.68
CA UNK E 489 40.62 -23.72 49.99
C UNK E 489 41.76 -24.71 49.81
N UNK E 490 42.71 -24.68 50.75
CA UNK E 490 43.89 -25.53 50.73
C UNK E 490 43.50 -27.00 50.90
N UNK E 491 42.66 -27.27 51.91
CA UNK E 491 42.20 -28.62 52.23
C UNK E 491 41.34 -29.20 51.10
N UNK E 492 40.48 -28.36 50.53
CA UNK E 492 39.60 -28.78 49.45
C UNK E 492 40.39 -28.89 48.15
N UNK E 493 41.11 -30.00 48.00
CA UNK E 493 41.93 -30.25 46.83
C UNK E 493 41.97 -31.75 46.51
N UNK E 494 40.96 -32.49 46.97
CA UNK E 494 40.90 -33.93 46.75
C UNK E 494 39.46 -34.38 46.50
N UNK E 495 38.53 -33.89 47.32
CA UNK E 495 37.12 -34.26 47.24
C UNK E 495 36.48 -33.64 45.99
N UNK E 496 36.38 -32.31 45.97
CA UNK E 496 35.78 -31.58 44.86
C UNK E 496 36.85 -31.19 43.85
N UNK E 497 36.41 -30.66 42.71
CA UNK E 497 37.29 -30.23 41.63
C UNK E 497 36.59 -29.15 40.80
N UNK E 498 37.33 -28.10 40.46
CA UNK E 498 36.82 -27.00 39.67
C UNK E 498 37.32 -27.08 38.23
N UNK E 499 36.46 -26.64 37.30
CA UNK E 499 36.77 -26.63 35.88
C UNK E 499 36.45 -25.24 35.31
N CYS E 500 37.49 -24.58 34.78
CA CYS E 500 37.35 -23.25 34.21
C CYS E 500 37.24 -23.34 32.69
N UNK E 501 36.10 -22.90 32.16
CA UNK E 501 35.84 -22.95 30.73
C UNK E 501 36.36 -21.70 30.04
N UNK E 502 37.46 -21.86 29.30
CA UNK E 502 38.08 -20.78 28.55
C UNK E 502 37.52 -20.80 27.12
N UNK E 503 36.49 -19.97 26.91
CA UNK E 503 35.81 -19.88 25.62
C UNK E 503 36.38 -18.74 24.77
N UNK E 504 36.20 -18.88 23.46
CA UNK E 504 36.65 -17.92 22.45
C UNK E 504 35.70 -18.01 21.26
N UNK E 505 34.86 -16.98 21.10
CA UNK E 505 33.89 -16.91 20.01
C UNK E 505 34.56 -16.60 18.69
N UNK E 506 35.72 -15.94 18.75
CA UNK E 506 36.50 -15.53 17.59
C UNK E 506 36.92 -16.75 16.77
N UNK E 507 37.62 -17.70 17.41
CA UNK E 507 38.09 -18.90 16.75
C UNK E 507 37.05 -20.00 16.83
N UNK E 508 36.09 -19.84 17.75
CA UNK E 508 35.00 -20.77 17.99
C UNK E 508 35.52 -22.17 18.35
N UNK E 509 36.31 -22.23 19.44
CA UNK E 509 36.88 -23.48 19.92
C UNK E 509 36.53 -23.64 21.40
N UNK E 510 35.68 -24.64 21.69
CA UNK E 510 35.23 -24.93 23.04
C UNK E 510 36.27 -25.78 23.77
N UNK E 511 36.55 -25.40 25.02
CA UNK E 511 37.52 -26.10 25.87
C UNK E 511 37.27 -25.77 27.34
N UNK E 512 37.24 -26.82 28.17
CA UNK E 512 37.03 -26.70 29.60
C UNK E 512 37.96 -27.67 30.33
N UNK E 513 39.16 -27.19 30.65
CA UNK E 513 40.17 -27.99 31.35
C UNK E 513 40.02 -27.79 32.85
N UNK E 514 40.23 -28.88 33.61
CA UNK E 514 40.13 -28.86 35.06
C UNK E 514 41.49 -28.52 35.67
N UNK E 515 41.54 -28.46 37.01
CA UNK E 515 42.76 -28.15 37.74
C UNK E 515 42.88 -29.04 38.96
N UNK E 516 43.62 -30.14 38.81
CA UNK E 516 43.85 -31.10 39.88
C UNK E 516 45.01 -30.62 40.76
N UNK E 517 45.12 -31.22 41.95
CA UNK E 517 46.18 -30.85 42.90
C UNK E 517 47.40 -31.75 42.69
N UNK E 518 48.58 -31.17 42.95
CA UNK E 518 49.85 -31.88 42.82
C UNK E 518 50.44 -32.16 44.20
N UNK E 519 51.12 -33.31 44.32
CA UNK E 519 51.74 -33.74 45.56
C UNK E 519 53.05 -33.00 45.79
N CYS E 520 53.91 -32.97 44.75
CA CYS E 520 55.21 -32.32 44.77
C CYS E 520 56.13 -32.97 45.81
#